data_4DVV
#
_entry.id   4DVV
#
_cell.length_a   64.779
_cell.length_b   68.079
_cell.length_c   94.350
_cell.angle_alpha   90.00
_cell.angle_beta   91.42
_cell.angle_gamma   90.00
#
_symmetry.space_group_name_H-M   'P 1 21 1'
#
loop_
_entity.id
_entity.type
_entity.pdbx_description
1 polymer 'clade A/E 93TH057 HIV-1 gp120 core'
2 non-polymer 2-acetamido-2-deoxy-beta-D-glucopyranose
3 non-polymer '4-(2-HYDROXYETHYL)-1-PIPERAZINE ETHANESULFONIC ACID'
4 non-polymer "N-{[(4S,5S)-5-(aminomethyl)-2,2-dimethyl-1,3-dioxolan-4-yl]methyl}-N'-(4-chloro-3-fluorophenyl)ethanediamide"
5 water water
#
_entity_poly.entity_id   1
_entity_poly.type   'polypeptide(L)'
_entity_poly.pdbx_seq_one_letter_code
;VWKDADTTLFCASDAKAHETEVHNVWATHACVPTDPNPQEIHLENVTENFNMWKNNMVEQMQEDVISLWDQSLQPCVKLT
GGSVIKQACPKISFDPIPIHYCTPAGYVILKCNDKNFNGTGPCKNVSSVQCTHGIKPVVSTQLLLNGSLAEEEIIIRSEN
LTNNAKTIIVHLNKSVEINCTRPSNGGSGSGGDIRKAYCEINGTKWNKVLKQVTEKLKEHFNNKTIIFQPPSGGDLEITM
HSFNCRGEFFYCNTTQLFNNTCIGNETMKGCNGTITLPCKIKQIINMWQGTGQAMYAPPIDGKINCVSNITGILLTRDGG
ANNTSNETFRPGGGNIKDNWRSELYKYKVVQIE
;
_entity_poly.pdbx_strand_id   A,B
#
# COMPACT_ATOMS: atom_id res chain seq x y z
N VAL A 1 15.02 15.54 32.23
CA VAL A 1 13.56 15.59 32.22
C VAL A 1 13.06 16.74 31.36
N TRP A 2 12.10 16.45 30.49
CA TRP A 2 11.71 17.41 29.46
C TRP A 2 10.23 17.34 29.06
N LYS A 3 9.82 18.28 28.22
CA LYS A 3 8.48 18.26 27.63
C LYS A 3 8.51 18.94 26.27
N ASP A 4 7.56 18.56 25.41
CA ASP A 4 7.38 19.20 24.12
C ASP A 4 7.20 20.71 24.31
N ALA A 5 7.85 21.49 23.47
CA ALA A 5 7.81 22.94 23.58
C ALA A 5 8.17 23.59 22.25
N ASP A 6 7.70 24.82 22.07
CA ASP A 6 8.08 25.61 20.91
C ASP A 6 8.87 26.81 21.37
N THR A 7 9.99 27.09 20.70
CA THR A 7 10.78 28.27 20.99
C THR A 7 11.44 28.73 19.70
N THR A 8 11.96 29.96 19.69
CA THR A 8 12.60 30.47 18.50
C THR A 8 13.97 29.83 18.31
N LEU A 9 14.16 29.18 17.17
CA LEU A 9 15.43 28.52 16.85
C LEU A 9 16.38 29.54 16.23
N PHE A 10 17.65 29.15 16.14
CA PHE A 10 18.61 29.91 15.33
C PHE A 10 19.21 28.99 14.28
N CYS A 11 19.91 29.54 13.30
CA CYS A 11 20.46 28.72 12.24
C CYS A 11 21.99 28.76 12.19
N ALA A 12 22.57 27.71 11.64
CA ALA A 12 24.02 27.62 11.46
C ALA A 12 24.31 27.13 10.06
N SER A 13 25.43 27.59 9.48
CA SER A 13 25.81 27.20 8.13
C SER A 13 27.30 27.37 7.90
N ASP A 14 27.77 26.89 6.75
CA ASP A 14 29.15 27.09 6.34
C ASP A 14 29.23 28.12 5.22
N ALA A 15 28.31 29.07 5.23
CA ALA A 15 28.28 30.12 4.21
C ALA A 15 29.60 30.87 4.11
N LYS A 16 29.90 31.36 2.91
CA LYS A 16 31.13 32.10 2.68
C LYS A 16 30.85 33.60 2.61
N ALA A 17 31.63 34.38 3.36
CA ALA A 17 31.40 35.82 3.48
C ALA A 17 31.63 36.58 2.17
N HIS A 18 32.51 36.05 1.32
CA HIS A 18 32.87 36.71 0.08
C HIS A 18 31.99 36.31 -1.11
N GLU A 19 31.06 35.38 -0.89
CA GLU A 19 30.19 34.91 -1.96
C GLU A 19 29.05 35.89 -2.27
N THR A 20 28.75 36.06 -3.56
CA THR A 20 27.64 36.88 -4.01
C THR A 20 26.37 36.05 -4.12
N GLU A 21 26.53 34.74 -4.08
CA GLU A 21 25.39 33.82 -4.11
C GLU A 21 24.48 34.13 -2.93
N VAL A 22 23.17 34.21 -3.21
CA VAL A 22 22.21 34.79 -2.29
C VAL A 22 21.96 33.99 -1.01
N HIS A 23 22.01 32.66 -1.10
CA HIS A 23 21.87 31.83 0.10
C HIS A 23 23.06 32.07 1.03
N ASN A 24 24.25 32.16 0.46
CA ASN A 24 25.47 32.46 1.20
C ASN A 24 25.38 33.83 1.87
N VAL A 25 24.90 34.82 1.11
CA VAL A 25 24.74 36.19 1.62
C VAL A 25 23.75 36.22 2.78
N TRP A 26 22.62 35.53 2.60
CA TRP A 26 21.59 35.48 3.63
C TRP A 26 22.09 34.82 4.91
N ALA A 27 22.69 33.65 4.76
CA ALA A 27 23.19 32.90 5.92
C ALA A 27 24.34 33.61 6.63
N THR A 28 25.16 34.33 5.87
CA THR A 28 26.25 35.11 6.43
C THR A 28 25.73 36.14 7.44
N HIS A 29 24.55 36.70 7.16
CA HIS A 29 23.99 37.74 8.01
C HIS A 29 22.92 37.22 8.98
N ALA A 30 22.43 36.00 8.75
CA ALA A 30 21.33 35.46 9.55
C ALA A 30 21.68 34.21 10.35
N CYS A 31 22.84 33.61 10.09
CA CYS A 31 23.24 32.39 10.79
C CYS A 31 24.63 32.49 11.41
N VAL A 32 24.95 31.53 12.28
CA VAL A 32 26.27 31.44 12.91
C VAL A 32 27.05 30.28 12.29
N PRO A 33 28.37 30.19 12.56
CA PRO A 33 29.10 29.03 12.02
C PRO A 33 28.63 27.71 12.60
N THR A 34 28.86 26.62 11.87
CA THR A 34 28.51 25.28 12.35
C THR A 34 29.48 24.83 13.43
N ASP A 35 29.04 23.90 14.28
CA ASP A 35 29.92 23.27 15.25
C ASP A 35 30.59 22.06 14.59
N PRO A 36 31.94 22.09 14.50
CA PRO A 36 32.70 21.02 13.85
C PRO A 36 32.65 19.71 14.62
N ASN A 37 32.52 19.78 15.94
CA ASN A 37 32.40 18.59 16.76
C ASN A 37 31.12 18.58 17.60
N PRO A 38 29.96 18.43 16.94
CA PRO A 38 28.67 18.49 17.65
C PRO A 38 28.45 17.26 18.52
N GLN A 39 27.77 17.44 19.64
CA GLN A 39 27.50 16.34 20.55
C GLN A 39 26.16 15.69 20.25
N GLU A 40 26.12 14.37 20.32
CA GLU A 40 24.86 13.66 20.16
C GLU A 40 24.73 12.60 21.25
N ILE A 41 23.68 12.72 22.05
CA ILE A 41 23.46 11.79 23.16
C ILE A 41 22.32 10.83 22.84
N HIS A 42 22.67 9.57 22.60
CA HIS A 42 21.68 8.54 22.36
C HIS A 42 21.01 8.12 23.67
N LEU A 43 19.69 8.29 23.71
CA LEU A 43 18.92 8.01 24.91
C LEU A 43 18.58 6.52 25.02
N GLU A 44 18.76 5.96 26.21
CA GLU A 44 18.53 4.55 26.44
C GLU A 44 17.13 4.28 27.01
N ASN A 45 16.43 3.33 26.39
CA ASN A 45 15.09 2.92 26.81
C ASN A 45 14.06 4.06 26.80
N VAL A 46 14.37 5.16 26.12
CA VAL A 46 13.42 6.26 25.99
C VAL A 46 12.47 6.04 24.81
N THR A 47 11.17 6.21 25.06
CA THR A 47 10.18 6.19 23.99
C THR A 47 9.53 7.56 23.86
N GLU A 48 9.70 8.18 22.69
CA GLU A 48 9.19 9.53 22.44
C GLU A 48 8.20 9.55 21.29
N ASN A 49 7.14 10.33 21.42
CA ASN A 49 6.20 10.50 20.31
C ASN A 49 6.55 11.70 19.44
N PHE A 50 6.41 11.53 18.13
CA PHE A 50 6.68 12.59 17.17
C PHE A 50 5.44 12.82 16.33
N ASN A 51 5.37 13.99 15.69
CA ASN A 51 4.33 14.29 14.71
C ASN A 51 4.85 15.31 13.72
N MET A 52 5.35 14.81 12.58
CA MET A 52 5.94 15.67 11.55
C MET A 52 4.94 16.67 10.98
N TRP A 53 3.65 16.38 11.13
CA TRP A 53 2.60 17.18 10.52
C TRP A 53 2.16 18.34 11.40
N LYS A 54 2.56 18.30 12.67
CA LYS A 54 2.34 19.43 13.56
C LYS A 54 3.64 19.69 14.30
N ASN A 55 4.54 20.38 13.62
CA ASN A 55 5.90 20.61 14.11
C ASN A 55 6.31 22.04 13.75
N ASN A 56 6.47 22.88 14.77
CA ASN A 56 6.74 24.30 14.59
C ASN A 56 8.10 24.60 13.94
N MET A 57 8.96 23.58 13.90
CA MET A 57 10.26 23.71 13.21
C MET A 57 10.02 23.96 11.73
N VAL A 58 8.95 23.36 11.19
CA VAL A 58 8.59 23.52 9.79
C VAL A 58 8.13 24.95 9.50
N GLU A 59 7.29 25.49 10.37
CA GLU A 59 6.83 26.87 10.23
C GLU A 59 7.99 27.86 10.27
N GLN A 60 8.96 27.59 11.15
CA GLN A 60 10.11 28.47 11.30
C GLN A 60 11.04 28.42 10.10
N MET A 61 11.24 27.24 9.52
CA MET A 61 12.07 27.13 8.32
C MET A 61 11.40 27.86 7.15
N GLN A 62 10.08 27.71 7.03
CA GLN A 62 9.30 28.40 6.00
C GLN A 62 9.51 29.91 6.13
N GLU A 63 9.48 30.40 7.37
CA GLU A 63 9.67 31.82 7.62
C GLU A 63 11.04 32.32 7.15
N ASP A 64 12.08 31.52 7.39
CA ASP A 64 13.42 31.84 6.93
C ASP A 64 13.52 31.91 5.41
N VAL A 65 13.00 30.86 4.75
CA VAL A 65 13.09 30.75 3.30
C VAL A 65 12.33 31.88 2.61
N ILE A 66 11.18 32.24 3.18
CA ILE A 66 10.41 33.38 2.69
C ILE A 66 11.23 34.67 2.81
N SER A 67 11.88 34.84 3.96
CA SER A 67 12.72 36.02 4.19
C SER A 67 13.89 36.05 3.22
N LEU A 68 14.46 34.88 2.95
CA LEU A 68 15.58 34.78 2.02
C LEU A 68 15.15 35.17 0.61
N TRP A 69 14.03 34.62 0.15
CA TRP A 69 13.52 34.92 -1.19
C TRP A 69 13.04 36.36 -1.30
N ASP A 70 12.47 36.88 -0.23
CA ASP A 70 12.02 38.28 -0.18
C ASP A 70 13.19 39.23 -0.39
N GLN A 71 14.32 38.91 0.22
CA GLN A 71 15.51 39.77 0.18
C GLN A 71 16.36 39.55 -1.06
N SER A 72 16.24 38.38 -1.68
CA SER A 72 17.17 37.96 -2.71
C SER A 72 16.56 37.82 -4.10
N LEU A 73 15.28 37.45 -4.15
CA LEU A 73 14.61 37.23 -5.43
C LEU A 73 13.43 38.16 -5.67
N GLN A 74 13.66 39.45 -5.56
CA GLN A 74 12.61 40.42 -5.89
C GLN A 74 12.33 40.43 -7.38
N PRO A 75 11.05 40.29 -7.75
CA PRO A 75 10.58 40.32 -9.14
C PRO A 75 10.46 41.73 -9.66
N CYS A 76 10.48 41.89 -10.98
CA CYS A 76 10.33 43.21 -11.60
C CYS A 76 8.96 43.77 -11.25
N VAL A 77 7.96 42.92 -11.39
CA VAL A 77 6.58 43.28 -11.06
C VAL A 77 6.00 42.28 -10.07
N LYS A 78 5.44 42.80 -8.99
CA LYS A 78 4.80 41.95 -7.97
C LYS A 78 3.35 42.35 -7.84
N LEU A 79 2.45 41.40 -8.11
CA LEU A 79 1.02 41.65 -8.06
C LEU A 79 0.42 40.93 -6.85
N THR A 80 -0.01 41.68 -5.85
CA THR A 80 -0.45 41.08 -4.59
C THR A 80 -1.59 41.85 -3.92
N GLY A 81 -2.69 41.14 -3.64
CA GLY A 81 -3.83 41.71 -2.93
C GLY A 81 -4.32 43.02 -3.50
N GLY A 82 -4.53 43.05 -4.81
CA GLY A 82 -5.02 44.24 -5.48
C GLY A 82 -3.92 45.25 -5.79
N SER A 83 -2.77 45.10 -5.13
CA SER A 83 -1.67 46.03 -5.30
C SER A 83 -0.71 45.66 -6.43
N VAL A 84 0.11 46.62 -6.84
CA VAL A 84 1.10 46.42 -7.90
C VAL A 84 2.43 47.05 -7.49
N ILE A 85 3.40 46.22 -7.15
CA ILE A 85 4.73 46.72 -6.82
C ILE A 85 5.68 46.54 -7.99
N LYS A 86 6.43 47.60 -8.31
CA LYS A 86 7.49 47.52 -9.31
C LYS A 86 8.83 47.81 -8.63
N GLN A 87 9.89 47.19 -9.13
CA GLN A 87 11.24 47.41 -8.61
C GLN A 87 12.29 46.86 -9.56
N ALA A 88 13.56 47.09 -9.23
CA ALA A 88 14.67 46.54 -10.01
C ALA A 88 14.73 45.03 -9.81
N CYS A 89 15.05 44.31 -10.88
CA CYS A 89 15.05 42.86 -10.84
C CYS A 89 16.31 42.27 -11.47
N PRO A 90 17.48 42.57 -10.88
CA PRO A 90 18.73 42.12 -11.50
C PRO A 90 18.86 40.60 -11.50
N LYS A 91 19.77 40.09 -12.31
CA LYS A 91 20.09 38.67 -12.31
C LYS A 91 21.01 38.36 -11.13
N ILE A 92 20.83 37.20 -10.51
CA ILE A 92 21.56 36.86 -9.28
C ILE A 92 22.31 35.54 -9.40
N SER A 93 23.17 35.28 -8.42
CA SER A 93 23.79 33.97 -8.28
C SER A 93 22.98 33.17 -7.26
N PHE A 94 22.58 31.97 -7.64
CA PHE A 94 21.58 31.22 -6.88
C PHE A 94 21.93 29.72 -6.88
N ASP A 95 22.16 29.19 -5.68
CA ASP A 95 22.46 27.77 -5.49
C ASP A 95 22.34 27.46 -4.01
N PRO A 96 21.24 26.78 -3.61
CA PRO A 96 20.93 26.53 -2.20
C PRO A 96 22.07 25.87 -1.42
N ILE A 97 22.28 26.30 -0.18
CA ILE A 97 23.29 25.70 0.68
C ILE A 97 22.61 25.10 1.91
N PRO A 98 23.24 24.10 2.54
CA PRO A 98 22.65 23.48 3.73
C PRO A 98 22.51 24.45 4.90
N ILE A 99 21.36 24.40 5.57
CA ILE A 99 21.07 25.24 6.72
C ILE A 99 20.72 24.36 7.92
N HIS A 100 21.41 24.56 9.03
CA HIS A 100 21.15 23.78 10.24
C HIS A 100 20.22 24.54 11.18
N TYR A 101 19.29 23.82 11.80
CA TYR A 101 18.38 24.45 12.76
C TYR A 101 18.70 24.03 14.19
N CYS A 102 18.87 25.02 15.05
CA CYS A 102 19.48 24.80 16.35
C CYS A 102 18.65 25.36 17.50
N THR A 103 18.70 24.66 18.64
CA THR A 103 18.00 25.09 19.85
C THR A 103 18.89 25.96 20.72
N PRO A 104 18.30 26.97 21.38
CA PRO A 104 19.03 27.81 22.33
C PRO A 104 19.11 27.13 23.69
N ALA A 105 19.76 27.77 24.66
CA ALA A 105 19.89 27.20 26.00
C ALA A 105 18.54 26.92 26.65
N GLY A 106 18.43 25.79 27.34
CA GLY A 106 17.20 25.43 28.02
C GLY A 106 16.34 24.49 27.19
N TYR A 107 16.71 24.33 25.93
CA TYR A 107 15.99 23.47 25.00
C TYR A 107 16.97 22.53 24.31
N VAL A 108 16.42 21.45 23.74
CA VAL A 108 17.22 20.51 22.96
C VAL A 108 16.36 19.90 21.87
N ILE A 109 16.98 19.41 20.81
CA ILE A 109 16.26 18.74 19.73
C ILE A 109 16.35 17.23 19.91
N LEU A 110 15.19 16.58 19.95
CA LEU A 110 15.17 15.12 19.98
C LEU A 110 15.08 14.62 18.54
N LYS A 111 15.87 13.59 18.23
CA LYS A 111 15.95 13.07 16.87
C LYS A 111 15.58 11.60 16.85
N CYS A 112 14.65 11.24 15.98
CA CYS A 112 14.24 9.84 15.87
C CYS A 112 15.18 9.08 14.93
N ASN A 113 15.79 8.01 15.44
CA ASN A 113 16.72 7.22 14.65
C ASN A 113 16.17 5.86 14.22
N ASP A 114 14.87 5.66 14.43
CA ASP A 114 14.20 4.45 13.92
C ASP A 114 14.28 4.46 12.39
N LYS A 115 14.80 3.37 11.83
CA LYS A 115 15.22 3.38 10.42
C LYS A 115 14.12 3.41 9.37
N ASN A 116 12.91 2.98 9.74
CA ASN A 116 11.77 3.09 8.84
C ASN A 116 10.65 3.92 9.44
N PHE A 117 11.04 4.92 10.24
CA PHE A 117 10.13 5.86 10.89
C PHE A 117 9.30 6.62 9.87
N ASN A 118 7.98 6.62 10.05
CA ASN A 118 7.08 7.27 9.10
C ASN A 118 6.77 8.73 9.41
N GLY A 119 7.25 9.22 10.55
CA GLY A 119 7.09 10.63 10.90
C GLY A 119 6.09 10.89 12.00
N THR A 120 5.26 9.89 12.31
CA THR A 120 4.29 10.02 13.39
C THR A 120 4.34 8.82 14.34
N GLY A 121 3.95 9.05 15.59
CA GLY A 121 3.88 7.98 16.57
C GLY A 121 5.15 7.84 17.38
N PRO A 122 5.29 6.71 18.10
CA PRO A 122 6.43 6.48 18.99
C PRO A 122 7.72 6.12 18.26
N CYS A 123 8.83 6.64 18.75
CA CYS A 123 10.15 6.30 18.25
C CYS A 123 10.93 5.61 19.37
N LYS A 124 11.67 4.55 19.04
CA LYS A 124 12.37 3.77 20.06
C LYS A 124 13.81 4.23 20.27
N ASN A 125 14.52 4.46 19.18
CA ASN A 125 15.91 4.91 19.24
C ASN A 125 15.99 6.43 19.09
N VAL A 126 15.98 7.13 20.22
CA VAL A 126 15.95 8.59 20.23
C VAL A 126 17.29 9.14 20.71
N SER A 127 17.80 10.16 20.02
CA SER A 127 18.98 10.87 20.48
C SER A 127 18.63 12.34 20.67
N SER A 128 19.44 13.06 21.44
CA SER A 128 19.27 14.50 21.58
C SER A 128 20.45 15.22 20.94
N VAL A 129 20.16 16.25 20.16
CA VAL A 129 21.20 17.03 19.47
C VAL A 129 20.90 18.50 19.63
N GLN A 130 21.87 19.36 19.37
CA GLN A 130 21.63 20.79 19.41
C GLN A 130 21.13 21.30 18.06
N CYS A 131 21.60 20.67 16.98
CA CYS A 131 21.27 21.12 15.64
C CYS A 131 20.80 19.97 14.74
N THR A 132 19.91 20.30 13.80
CA THR A 132 19.53 19.36 12.75
C THR A 132 20.70 19.18 11.80
N HIS A 133 20.58 18.23 10.87
CA HIS A 133 21.54 18.12 9.79
C HIS A 133 21.37 19.30 8.84
N GLY A 134 22.32 19.49 7.93
CA GLY A 134 22.21 20.58 6.98
C GLY A 134 21.13 20.35 5.94
N ILE A 135 20.13 21.23 5.93
CA ILE A 135 19.01 21.10 4.99
C ILE A 135 19.04 22.21 3.94
N LYS A 136 19.14 21.80 2.67
CA LYS A 136 19.07 22.78 1.58
C LYS A 136 17.61 23.16 1.35
N PRO A 137 17.31 24.47 1.40
CA PRO A 137 15.94 24.95 1.22
C PRO A 137 15.53 24.93 -0.25
N VAL A 138 15.47 23.73 -0.82
CA VAL A 138 15.11 23.57 -2.24
C VAL A 138 13.60 23.68 -2.43
N VAL A 139 13.18 24.70 -3.18
CA VAL A 139 11.75 24.92 -3.46
C VAL A 139 11.36 24.24 -4.77
N SER A 140 10.38 23.34 -4.70
CA SER A 140 9.94 22.61 -5.88
C SER A 140 8.55 22.02 -5.69
N THR A 141 7.95 21.56 -6.80
CA THR A 141 6.70 20.81 -6.74
C THR A 141 6.93 19.44 -7.39
N GLN A 142 6.00 18.52 -7.14
CA GLN A 142 6.03 17.17 -7.71
C GLN A 142 7.18 16.29 -7.24
N LEU A 143 8.41 16.71 -7.55
CA LEU A 143 9.59 15.94 -7.18
C LEU A 143 10.40 16.69 -6.13
N LEU A 144 10.80 15.98 -5.07
CA LEU A 144 11.68 16.56 -4.07
C LEU A 144 13.12 16.38 -4.52
N LEU A 145 13.88 17.48 -4.50
CA LEU A 145 15.23 17.49 -5.09
C LEU A 145 16.34 17.71 -4.08
N ASN A 146 17.46 17.02 -4.28
CA ASN A 146 18.67 17.22 -3.48
C ASN A 146 18.47 17.04 -1.98
N GLY A 147 17.53 16.18 -1.60
CA GLY A 147 17.24 15.95 -0.20
C GLY A 147 17.95 14.75 0.38
N SER A 148 17.62 14.42 1.62
CA SER A 148 18.20 13.24 2.27
C SER A 148 17.41 12.01 1.86
N LEU A 149 18.07 10.86 1.82
CA LEU A 149 17.42 9.61 1.44
C LEU A 149 16.98 8.81 2.65
N ALA A 150 15.95 8.00 2.47
CA ALA A 150 15.59 7.02 3.49
C ALA A 150 16.72 5.99 3.55
N GLU A 151 17.00 5.48 4.75
CA GLU A 151 18.15 4.60 4.93
C GLU A 151 17.89 3.12 4.63
N GLU A 152 16.68 2.65 4.89
CA GLU A 152 16.35 1.27 4.57
C GLU A 152 15.32 1.19 3.46
N GLU A 153 14.04 1.07 3.82
CA GLU A 153 12.99 0.95 2.83
C GLU A 153 12.45 2.30 2.41
N ILE A 154 11.76 2.33 1.27
CA ILE A 154 11.02 3.50 0.85
C ILE A 154 9.92 3.76 1.87
N ILE A 155 9.75 5.01 2.27
CA ILE A 155 8.78 5.35 3.31
C ILE A 155 7.62 6.15 2.73
N ILE A 156 6.41 5.79 3.14
CA ILE A 156 5.23 6.56 2.77
C ILE A 156 4.80 7.41 3.96
N ARG A 157 4.70 8.73 3.76
CA ARG A 157 4.31 9.63 4.83
C ARG A 157 3.04 10.38 4.48
N SER A 158 2.11 10.42 5.43
CA SER A 158 0.87 11.19 5.29
C SER A 158 0.28 11.43 6.66
N GLU A 159 -0.38 12.57 6.83
CA GLU A 159 -1.04 12.88 8.10
C GLU A 159 -2.21 11.93 8.31
N ASN A 160 -2.78 11.47 7.20
CA ASN A 160 -3.92 10.56 7.21
C ASN A 160 -4.13 9.99 5.80
N LEU A 161 -3.55 8.82 5.53
CA LEU A 161 -3.65 8.17 4.22
C LEU A 161 -5.09 7.97 3.76
N THR A 162 -5.97 7.67 4.71
CA THR A 162 -7.38 7.45 4.42
C THR A 162 -8.06 8.71 3.88
N ASN A 163 -7.51 9.87 4.23
CA ASN A 163 -7.98 11.15 3.67
C ASN A 163 -7.20 11.51 2.40
N ASN A 164 -7.90 11.51 1.26
CA ASN A 164 -7.28 11.79 -0.03
C ASN A 164 -6.88 13.25 -0.23
N ALA A 165 -7.38 14.13 0.63
CA ALA A 165 -7.04 15.54 0.58
C ALA A 165 -5.66 15.81 1.19
N LYS A 166 -5.18 14.88 2.00
CA LYS A 166 -3.86 14.99 2.62
C LYS A 166 -2.76 14.56 1.66
N THR A 167 -1.75 15.41 1.50
CA THR A 167 -0.62 15.14 0.62
C THR A 167 0.18 13.93 1.11
N ILE A 168 0.64 13.11 0.16
CA ILE A 168 1.52 11.99 0.47
C ILE A 168 2.96 12.33 0.09
N ILE A 169 3.88 12.15 1.03
CA ILE A 169 5.30 12.30 0.75
C ILE A 169 5.94 10.91 0.59
N VAL A 170 6.49 10.65 -0.58
CA VAL A 170 7.23 9.42 -0.82
C VAL A 170 8.72 9.69 -0.58
N HIS A 171 9.30 8.95 0.37
CA HIS A 171 10.72 9.12 0.68
C HIS A 171 11.52 8.00 0.04
N LEU A 172 12.28 8.33 -1.01
CA LEU A 172 13.05 7.34 -1.74
C LEU A 172 14.28 6.89 -0.97
N ASN A 173 14.72 5.65 -1.21
CA ASN A 173 15.95 5.15 -0.61
C ASN A 173 17.10 5.08 -1.60
N LYS A 174 16.82 5.45 -2.85
CA LYS A 174 17.87 5.56 -3.87
C LYS A 174 17.62 6.75 -4.79
N SER A 175 18.64 7.58 -4.97
CA SER A 175 18.53 8.76 -5.83
C SER A 175 18.30 8.37 -7.29
N VAL A 176 17.51 9.17 -7.99
CA VAL A 176 17.44 9.11 -9.44
C VAL A 176 17.78 10.50 -9.96
N GLU A 177 18.85 10.60 -10.75
CA GLU A 177 19.28 11.90 -11.25
C GLU A 177 18.30 12.46 -12.29
N ILE A 178 18.14 13.77 -12.27
CA ILE A 178 17.37 14.48 -13.28
C ILE A 178 18.23 15.63 -13.82
N ASN A 179 18.45 15.61 -15.13
CA ASN A 179 19.41 16.50 -15.78
C ASN A 179 18.69 17.55 -16.62
N CYS A 180 18.61 18.77 -16.10
CA CYS A 180 17.84 19.83 -16.75
C CYS A 180 18.72 20.87 -17.43
N THR A 181 18.42 21.16 -18.70
CA THR A 181 19.25 22.08 -19.49
C THR A 181 18.44 23.02 -20.37
N ARG A 182 18.73 24.31 -20.29
CA ARG A 182 18.37 25.26 -21.33
C ARG A 182 19.66 25.49 -22.12
N PRO A 183 19.76 24.88 -23.30
CA PRO A 183 21.03 24.92 -24.04
C PRO A 183 21.37 26.30 -24.58
N SER A 184 22.65 26.53 -24.85
CA SER A 184 23.13 27.83 -25.34
C SER A 184 22.46 28.23 -26.65
N ASN A 185 22.31 27.27 -27.56
CA ASN A 185 21.62 27.50 -28.84
C ASN A 185 20.90 26.25 -29.34
N GLY A 192 16.79 30.94 -31.54
CA GLY A 192 16.11 29.85 -30.85
C GLY A 192 15.10 30.34 -29.84
N ASP A 193 14.39 29.41 -29.21
CA ASP A 193 13.47 29.73 -28.12
C ASP A 193 14.25 29.70 -26.81
N ILE A 194 14.57 30.88 -26.29
CA ILE A 194 15.42 31.03 -25.11
C ILE A 194 14.77 30.49 -23.83
N ARG A 195 13.49 30.12 -23.92
CA ARG A 195 12.78 29.57 -22.77
C ARG A 195 12.55 28.07 -22.91
N LYS A 196 12.81 27.54 -24.09
CA LYS A 196 12.70 26.10 -24.30
C LYS A 196 13.83 25.37 -23.59
N ALA A 197 13.47 24.31 -22.87
CA ALA A 197 14.45 23.51 -22.15
C ALA A 197 13.97 22.07 -22.03
N TYR A 198 14.76 21.22 -21.39
CA TYR A 198 14.38 19.82 -21.20
C TYR A 198 15.09 19.20 -20.00
N CYS A 199 14.51 18.12 -19.48
CA CYS A 199 15.15 17.36 -18.41
C CYS A 199 15.34 15.92 -18.84
N GLU A 200 16.53 15.38 -18.60
CA GLU A 200 16.83 14.01 -18.98
C GLU A 200 16.90 13.11 -17.75
N ILE A 201 16.26 11.94 -17.84
CA ILE A 201 16.23 10.98 -16.75
C ILE A 201 16.44 9.56 -17.29
N ASN A 202 17.24 8.77 -16.59
CA ASN A 202 17.41 7.36 -16.94
C ASN A 202 16.11 6.59 -16.69
N GLY A 203 15.43 6.22 -17.78
CA GLY A 203 14.15 5.55 -17.70
C GLY A 203 14.22 4.18 -17.04
N THR A 204 15.34 3.50 -17.19
CA THR A 204 15.55 2.20 -16.55
C THR A 204 15.56 2.35 -15.03
N LYS A 205 16.33 3.34 -14.55
CA LYS A 205 16.40 3.64 -13.13
C LYS A 205 15.06 4.10 -12.57
N TRP A 206 14.43 5.04 -13.27
CA TRP A 206 13.20 5.67 -12.80
C TRP A 206 12.05 4.67 -12.68
N ASN A 207 11.87 3.85 -13.70
CA ASN A 207 10.77 2.90 -13.75
C ASN A 207 10.95 1.77 -12.73
N LYS A 208 12.20 1.49 -12.38
CA LYS A 208 12.50 0.52 -11.33
C LYS A 208 12.11 1.06 -9.97
N VAL A 209 12.49 2.30 -9.70
CA VAL A 209 12.13 2.97 -8.45
C VAL A 209 10.61 3.11 -8.35
N LEU A 210 9.98 3.53 -9.43
CA LEU A 210 8.53 3.71 -9.46
C LEU A 210 7.81 2.39 -9.20
N LYS A 211 8.38 1.29 -9.70
CA LYS A 211 7.84 -0.04 -9.44
C LYS A 211 7.93 -0.35 -7.95
N GLN A 212 9.05 0.05 -7.34
CA GLN A 212 9.26 -0.14 -5.90
C GLN A 212 8.29 0.70 -5.09
N VAL A 213 8.04 1.93 -5.54
CA VAL A 213 7.06 2.80 -4.90
C VAL A 213 5.67 2.18 -4.97
N THR A 214 5.33 1.66 -6.14
CA THR A 214 4.06 0.97 -6.36
C THR A 214 3.84 -0.15 -5.34
N GLU A 215 4.87 -0.94 -5.10
CA GLU A 215 4.77 -2.08 -4.18
C GLU A 215 4.66 -1.64 -2.71
N LYS A 216 5.31 -0.54 -2.38
CA LYS A 216 5.21 0.02 -1.03
C LYS A 216 3.82 0.59 -0.77
N LEU A 217 3.27 1.27 -1.78
CA LEU A 217 1.91 1.81 -1.70
C LEU A 217 0.88 0.71 -1.50
N LYS A 218 1.18 -0.48 -2.02
CA LYS A 218 0.30 -1.64 -1.86
C LYS A 218 0.21 -2.07 -0.41
N GLU A 219 1.32 -1.96 0.32
CA GLU A 219 1.36 -2.35 1.73
C GLU A 219 0.42 -1.48 2.55
N HIS A 220 0.21 -0.25 2.10
CA HIS A 220 -0.61 0.71 2.81
C HIS A 220 -2.04 0.76 2.29
N PHE A 221 -2.27 0.19 1.12
CA PHE A 221 -3.61 0.23 0.51
C PHE A 221 -4.19 -1.16 0.23
N ASN A 222 -3.93 -2.10 1.14
CA ASN A 222 -4.57 -3.40 1.12
C ASN A 222 -4.39 -4.17 -0.20
N ASN A 223 -3.22 -4.03 -0.81
CA ASN A 223 -2.89 -4.69 -2.07
C ASN A 223 -3.75 -4.28 -3.26
N LYS A 224 -4.34 -3.09 -3.20
CA LYS A 224 -5.12 -2.60 -4.32
C LYS A 224 -4.17 -2.25 -5.46
N THR A 225 -4.69 -2.22 -6.68
CA THR A 225 -3.87 -1.89 -7.85
C THR A 225 -3.49 -0.42 -7.86
N ILE A 226 -2.19 -0.16 -7.99
CA ILE A 226 -1.67 1.20 -7.93
C ILE A 226 -1.47 1.79 -9.34
N ILE A 227 -2.09 2.94 -9.58
CA ILE A 227 -2.06 3.59 -10.88
C ILE A 227 -1.56 5.03 -10.77
N PHE A 228 -0.65 5.42 -11.66
CA PHE A 228 -0.24 6.82 -11.75
C PHE A 228 -0.89 7.50 -12.94
N GLN A 229 -1.34 8.73 -12.74
CA GLN A 229 -1.87 9.54 -13.82
C GLN A 229 -1.37 10.97 -13.64
N PRO A 230 -1.27 11.72 -14.75
CA PRO A 230 -0.89 13.13 -14.70
C PRO A 230 -1.92 13.96 -13.93
N PRO A 231 -1.50 15.08 -13.31
CA PRO A 231 -2.38 15.93 -12.51
C PRO A 231 -3.67 16.30 -13.26
N SER A 232 -4.78 16.46 -12.54
CA SER A 232 -6.09 16.71 -13.16
C SER A 232 -6.22 18.12 -13.71
N GLY A 233 -5.85 19.10 -12.88
CA GLY A 233 -5.90 20.50 -13.24
C GLY A 233 -5.18 21.35 -12.21
N GLY A 234 -5.40 22.65 -12.24
CA GLY A 234 -4.76 23.56 -11.31
C GLY A 234 -3.73 24.45 -11.99
N ASP A 235 -3.06 25.28 -11.20
CA ASP A 235 -2.03 26.17 -11.73
C ASP A 235 -0.86 25.38 -12.29
N LEU A 236 -0.12 26.00 -13.21
CA LEU A 236 1.03 25.36 -13.87
C LEU A 236 2.06 24.88 -12.86
N GLU A 237 2.20 25.62 -11.76
CA GLU A 237 3.17 25.28 -10.73
C GLU A 237 2.91 23.88 -10.15
N ILE A 238 1.67 23.42 -10.25
CA ILE A 238 1.28 22.13 -9.68
C ILE A 238 1.20 21.03 -10.74
N THR A 239 0.64 21.36 -11.90
CA THR A 239 0.49 20.37 -12.98
C THR A 239 1.85 20.04 -13.60
N MET A 240 2.83 20.91 -13.37
CA MET A 240 4.19 20.71 -13.86
C MET A 240 5.13 20.55 -12.68
N HIS A 241 6.25 19.85 -12.91
CA HIS A 241 7.35 19.86 -11.97
C HIS A 241 8.03 21.21 -12.07
N SER A 242 7.83 22.07 -11.08
CA SER A 242 8.45 23.40 -11.09
C SER A 242 9.56 23.47 -10.06
N PHE A 243 10.62 24.20 -10.41
CA PHE A 243 11.79 24.31 -9.56
C PHE A 243 12.64 25.50 -10.00
N ASN A 244 13.64 25.85 -9.21
CA ASN A 244 14.50 26.96 -9.57
C ASN A 244 15.94 26.50 -9.82
N CYS A 245 16.41 26.73 -11.05
CA CYS A 245 17.77 26.38 -11.44
C CYS A 245 18.52 27.65 -11.81
N ARG A 246 19.56 27.98 -11.04
CA ARG A 246 20.39 29.16 -11.29
C ARG A 246 19.61 30.47 -11.28
N GLY A 247 18.52 30.53 -10.51
CA GLY A 247 17.72 31.74 -10.45
C GLY A 247 16.54 31.72 -11.41
N GLU A 248 16.59 30.82 -12.38
CA GLU A 248 15.54 30.72 -13.39
C GLU A 248 14.45 29.74 -12.98
N PHE A 249 13.20 30.08 -13.27
CA PHE A 249 12.06 29.21 -12.92
C PHE A 249 11.73 28.22 -14.03
N PHE A 250 11.96 26.93 -13.73
CA PHE A 250 11.71 25.86 -14.70
C PHE A 250 10.37 25.20 -14.45
N TYR A 251 9.66 24.90 -15.53
CA TYR A 251 8.40 24.16 -15.46
C TYR A 251 8.50 22.97 -16.42
N CYS A 252 8.48 21.75 -15.88
CA CYS A 252 8.66 20.56 -16.71
C CYS A 252 7.46 19.63 -16.75
N ASN A 253 7.15 19.13 -17.94
CA ASN A 253 6.05 18.19 -18.13
C ASN A 253 6.47 16.78 -17.72
N THR A 254 5.86 16.26 -16.66
CA THR A 254 6.23 14.95 -16.12
C THR A 254 5.30 13.82 -16.55
N THR A 255 4.52 14.04 -17.60
CA THR A 255 3.59 13.04 -18.13
C THR A 255 4.30 11.70 -18.39
N GLN A 256 5.51 11.78 -18.95
CA GLN A 256 6.29 10.59 -19.27
C GLN A 256 6.78 9.83 -18.04
N LEU A 257 6.89 10.53 -16.91
CA LEU A 257 7.35 9.92 -15.68
C LEU A 257 6.23 9.12 -15.02
N PHE A 258 5.00 9.60 -15.20
CA PHE A 258 3.87 9.03 -14.48
C PHE A 258 2.84 8.34 -15.37
N ASN A 259 3.32 7.59 -16.38
CA ASN A 259 2.47 6.66 -17.10
C ASN A 259 2.71 5.20 -16.68
N ASN A 260 1.64 4.48 -16.39
CA ASN A 260 1.75 3.16 -15.77
C ASN A 260 2.25 2.05 -16.69
N THR A 261 2.51 2.39 -17.95
CA THR A 261 2.84 1.40 -18.97
C THR A 261 4.20 0.71 -18.77
N CYS A 262 5.19 1.45 -18.28
CA CYS A 262 6.53 0.91 -18.10
C CYS A 262 6.71 0.25 -16.73
N ILE A 263 5.61 -0.30 -16.21
CA ILE A 263 5.61 -0.98 -14.91
C ILE A 263 5.08 -2.39 -15.02
N ASN A 272 13.28 2.01 -21.31
CA ASN A 272 14.58 1.73 -20.73
C ASN A 272 15.56 2.82 -21.13
N GLY A 273 15.22 3.52 -22.22
CA GLY A 273 16.08 4.56 -22.76
C GLY A 273 16.09 5.81 -21.90
N THR A 274 16.64 6.90 -22.44
CA THR A 274 16.62 8.18 -21.74
C THR A 274 15.26 8.84 -21.90
N ILE A 275 14.71 9.32 -20.79
CA ILE A 275 13.45 10.06 -20.81
C ILE A 275 13.75 11.55 -20.93
N THR A 276 13.17 12.20 -21.94
CA THR A 276 13.38 13.64 -22.15
C THR A 276 12.08 14.40 -21.90
N LEU A 277 12.00 15.07 -20.76
CA LEU A 277 10.84 15.87 -20.42
C LEU A 277 10.95 17.23 -21.08
N PRO A 278 9.88 17.68 -21.76
CA PRO A 278 9.94 19.05 -22.29
C PRO A 278 9.72 20.07 -21.17
N CYS A 279 10.58 21.08 -21.10
CA CYS A 279 10.46 22.10 -20.07
C CYS A 279 10.37 23.49 -20.66
N LYS A 280 10.07 24.47 -19.82
CA LYS A 280 9.97 25.84 -20.25
C LYS A 280 10.37 26.76 -19.10
N ILE A 281 11.22 27.75 -19.38
CA ILE A 281 11.54 28.76 -18.39
C ILE A 281 10.44 29.82 -18.38
N LYS A 282 9.89 30.09 -17.19
CA LYS A 282 8.82 31.07 -17.07
C LYS A 282 9.29 32.31 -16.30
N GLN A 283 8.92 33.48 -16.81
CA GLN A 283 9.21 34.75 -16.17
C GLN A 283 8.08 35.13 -15.23
N ILE A 284 6.87 34.70 -15.58
CA ILE A 284 5.68 35.01 -14.78
C ILE A 284 5.18 33.79 -14.02
N ILE A 285 5.14 33.90 -12.69
CA ILE A 285 4.83 32.75 -11.84
C ILE A 285 3.82 33.06 -10.73
N ASN A 286 3.13 32.02 -10.28
CA ASN A 286 2.35 32.10 -9.06
C ASN A 286 3.29 31.84 -7.89
N MET A 287 3.37 32.79 -6.97
CA MET A 287 4.34 32.70 -5.87
C MET A 287 3.97 31.60 -4.87
N TRP A 288 4.96 30.78 -4.52
CA TRP A 288 4.78 29.71 -3.53
C TRP A 288 4.54 30.26 -2.14
N GLN A 289 4.99 31.50 -1.92
CA GLN A 289 4.71 32.20 -0.67
C GLN A 289 3.20 32.47 -0.57
N GLY A 290 2.50 32.20 -1.67
CA GLY A 290 1.04 32.24 -1.70
C GLY A 290 0.48 33.64 -1.76
N THR A 291 1.28 34.58 -2.26
CA THR A 291 0.95 35.98 -2.15
C THR A 291 0.71 36.70 -3.48
N GLY A 292 0.33 35.95 -4.51
CA GLY A 292 0.00 36.58 -5.78
C GLY A 292 0.91 36.18 -6.93
N GLN A 293 1.14 37.11 -7.85
CA GLN A 293 1.95 36.82 -9.03
C GLN A 293 3.21 37.68 -9.10
N ALA A 294 4.23 37.16 -9.79
CA ALA A 294 5.49 37.87 -9.96
C ALA A 294 5.97 37.74 -11.40
N MET A 295 6.64 38.77 -11.91
CA MET A 295 7.32 38.67 -13.19
C MET A 295 8.82 38.90 -13.02
N TYR A 296 9.61 38.00 -13.59
CA TYR A 296 11.06 38.12 -13.53
C TYR A 296 11.64 38.44 -14.91
N ALA A 297 12.90 38.86 -14.93
CA ALA A 297 13.60 39.15 -16.18
C ALA A 297 13.81 37.86 -16.98
N PRO A 298 13.99 37.99 -18.30
CA PRO A 298 14.30 36.85 -19.18
C PRO A 298 15.55 36.10 -18.75
N PRO A 299 15.71 34.84 -19.19
CA PRO A 299 16.87 34.04 -18.79
C PRO A 299 18.20 34.67 -19.18
N ILE A 300 19.25 34.38 -18.40
CA ILE A 300 20.61 34.71 -18.77
C ILE A 300 20.98 33.94 -20.03
N ASP A 301 22.02 34.37 -20.74
CA ASP A 301 22.46 33.68 -21.95
C ASP A 301 23.33 32.47 -21.61
N GLY A 302 23.58 31.63 -22.61
CA GLY A 302 24.45 30.49 -22.44
C GLY A 302 23.74 29.26 -21.90
N LYS A 303 24.52 28.25 -21.53
CA LYS A 303 23.95 27.02 -21.01
C LYS A 303 23.51 27.17 -19.57
N ILE A 304 22.24 26.86 -19.31
CA ILE A 304 21.69 26.84 -17.97
C ILE A 304 21.42 25.38 -17.63
N ASN A 305 22.15 24.86 -16.65
CA ASN A 305 22.07 23.43 -16.35
C ASN A 305 22.10 23.13 -14.85
N CYS A 306 21.15 22.30 -14.42
CA CYS A 306 21.12 21.81 -13.04
C CYS A 306 20.95 20.30 -13.07
N VAL A 307 21.86 19.59 -12.41
CA VAL A 307 21.72 18.15 -12.22
C VAL A 307 21.32 17.89 -10.78
N SER A 308 20.16 17.28 -10.58
CA SER A 308 19.62 17.08 -9.24
C SER A 308 19.29 15.62 -8.97
N ASN A 309 19.37 15.22 -7.71
CA ASN A 309 18.87 13.92 -7.29
C ASN A 309 17.40 14.04 -6.93
N ILE A 310 16.57 13.20 -7.53
CA ILE A 310 15.20 13.03 -7.06
C ILE A 310 15.30 12.14 -5.83
N THR A 311 14.89 12.67 -4.68
CA THR A 311 15.01 11.93 -3.43
C THR A 311 13.63 11.70 -2.82
N GLY A 312 12.61 12.28 -3.45
CA GLY A 312 11.25 12.19 -2.96
C GLY A 312 10.20 12.58 -3.98
N ILE A 313 8.95 12.16 -3.72
CA ILE A 313 7.82 12.49 -4.59
C ILE A 313 6.63 12.98 -3.77
N LEU A 314 5.97 14.03 -4.23
CA LEU A 314 4.73 14.48 -3.62
C LEU A 314 3.54 13.99 -4.44
N LEU A 315 2.63 13.27 -3.79
CA LEU A 315 1.50 12.66 -4.48
C LEU A 315 0.16 13.06 -3.86
N THR A 316 -0.87 13.10 -4.70
CA THR A 316 -2.25 13.24 -4.21
C THR A 316 -3.07 12.06 -4.74
N ARG A 317 -3.86 11.46 -3.86
CA ARG A 317 -4.66 10.29 -4.24
C ARG A 317 -6.06 10.69 -4.69
N ASP A 318 -6.55 10.05 -5.76
CA ASP A 318 -7.88 10.31 -6.27
C ASP A 318 -8.95 9.87 -5.28
N GLY A 319 -9.94 10.73 -5.04
CA GLY A 319 -11.09 10.35 -4.24
C GLY A 319 -12.05 9.53 -5.07
N GLY A 320 -13.03 8.90 -4.41
CA GLY A 320 -14.09 8.20 -5.12
C GLY A 320 -13.76 6.83 -5.68
N ALA A 321 -12.73 6.18 -5.14
CA ALA A 321 -12.28 4.88 -5.64
C ALA A 321 -12.55 3.70 -4.69
N ASN A 322 -13.33 3.94 -3.65
CA ASN A 322 -13.58 2.92 -2.63
C ASN A 322 -14.27 1.65 -3.14
N ASN A 323 -15.13 1.81 -4.15
CA ASN A 323 -15.87 0.68 -4.71
C ASN A 323 -15.18 0.01 -5.90
N THR A 324 -13.91 0.35 -6.12
CA THR A 324 -13.10 -0.28 -7.17
C THR A 324 -11.81 -0.85 -6.60
N SER A 325 -11.08 -1.61 -7.43
CA SER A 325 -9.84 -2.24 -6.99
C SER A 325 -8.61 -1.37 -7.27
N ASN A 326 -8.83 -0.19 -7.83
CA ASN A 326 -7.74 0.73 -8.14
C ASN A 326 -7.62 1.90 -7.16
N GLU A 327 -6.38 2.34 -6.94
CA GLU A 327 -6.12 3.62 -6.31
C GLU A 327 -5.24 4.42 -7.28
N THR A 328 -5.63 5.66 -7.55
CA THR A 328 -4.93 6.48 -8.54
C THR A 328 -4.15 7.60 -7.84
N PHE A 329 -2.88 7.75 -8.22
CA PHE A 329 -2.01 8.75 -7.63
C PHE A 329 -1.47 9.70 -8.69
N ARG A 330 -1.48 11.00 -8.39
CA ARG A 330 -0.99 12.01 -9.31
C ARG A 330 0.03 12.88 -8.58
N PRO A 331 1.10 13.30 -9.29
CA PRO A 331 2.09 14.16 -8.66
C PRO A 331 1.46 15.48 -8.24
N GLY A 332 1.89 16.01 -7.10
CA GLY A 332 1.28 17.23 -6.57
C GLY A 332 2.28 18.15 -5.90
N GLY A 333 1.85 18.77 -4.79
CA GLY A 333 2.68 19.73 -4.08
C GLY A 333 2.10 21.12 -4.12
N GLY A 334 2.92 22.12 -3.85
CA GLY A 334 2.46 23.50 -3.85
C GLY A 334 2.45 24.11 -2.46
N ASN A 335 2.27 23.27 -1.45
CA ASN A 335 2.51 23.68 -0.08
C ASN A 335 3.96 23.37 0.25
N ILE A 336 4.81 24.39 0.13
CA ILE A 336 6.26 24.25 0.27
C ILE A 336 6.66 23.78 1.68
N LYS A 337 5.74 23.94 2.65
CA LYS A 337 5.97 23.42 3.99
C LYS A 337 6.18 21.91 3.98
N ASP A 338 5.49 21.22 3.08
CA ASP A 338 5.66 19.78 2.91
C ASP A 338 7.09 19.44 2.51
N ASN A 339 7.72 20.32 1.73
CA ASN A 339 9.12 20.15 1.38
C ASN A 339 10.01 20.14 2.62
N TRP A 340 9.76 21.06 3.55
CA TRP A 340 10.56 21.13 4.77
C TRP A 340 10.24 19.95 5.70
N ARG A 341 8.98 19.50 5.68
CA ARG A 341 8.58 18.33 6.44
C ARG A 341 9.35 17.09 6.03
N SER A 342 9.63 16.97 4.74
CA SER A 342 10.31 15.80 4.20
C SER A 342 11.73 15.66 4.77
N GLU A 343 12.25 16.74 5.33
CA GLU A 343 13.58 16.75 5.94
C GLU A 343 13.54 16.87 7.46
N LEU A 344 12.49 17.49 7.99
CA LEU A 344 12.39 17.77 9.43
C LEU A 344 11.58 16.74 10.21
N TYR A 345 11.09 15.71 9.52
CA TYR A 345 10.16 14.73 10.09
C TYR A 345 10.67 14.04 11.35
N LYS A 346 11.99 13.88 11.45
CA LYS A 346 12.59 13.09 12.52
C LYS A 346 13.01 13.92 13.73
N TYR A 347 12.73 15.22 13.69
CA TYR A 347 13.12 16.12 14.78
C TYR A 347 11.91 16.71 15.51
N LYS A 348 12.10 17.00 16.79
CA LYS A 348 11.17 17.82 17.54
C LYS A 348 11.91 18.53 18.67
N VAL A 349 11.40 19.68 19.09
CA VAL A 349 12.03 20.50 20.12
C VAL A 349 11.43 20.20 21.50
N VAL A 350 12.28 20.03 22.51
CA VAL A 350 11.79 19.87 23.88
C VAL A 350 12.45 20.87 24.83
N GLN A 351 11.74 21.22 25.89
CA GLN A 351 12.27 22.13 26.90
C GLN A 351 12.79 21.33 28.08
N ILE A 352 13.98 21.69 28.57
CA ILE A 352 14.64 20.95 29.64
C ILE A 352 14.57 21.71 30.98
N GLU A 353 14.36 20.98 32.07
CA GLU A 353 14.31 21.58 33.40
C GLU A 353 15.69 22.01 33.87
N VAL B 1 10.84 -29.65 24.65
CA VAL B 1 9.81 -30.68 24.61
C VAL B 1 8.40 -30.08 24.59
N TRP B 2 7.54 -30.60 23.73
CA TRP B 2 6.20 -30.09 23.55
C TRP B 2 5.24 -31.22 23.17
N LYS B 3 3.95 -30.88 23.11
CA LYS B 3 2.91 -31.81 22.69
C LYS B 3 1.80 -31.04 22.01
N ASP B 4 1.06 -31.72 21.13
CA ASP B 4 -0.07 -31.10 20.46
C ASP B 4 -1.09 -30.66 21.51
N ALA B 5 -1.72 -29.51 21.27
CA ALA B 5 -2.68 -28.98 22.21
C ALA B 5 -3.56 -27.94 21.55
N ASP B 6 -4.68 -27.64 22.19
CA ASP B 6 -5.54 -26.54 21.76
C ASP B 6 -5.62 -25.51 22.87
N THR B 7 -5.64 -24.24 22.49
CA THR B 7 -5.81 -23.16 23.47
C THR B 7 -6.48 -21.96 22.83
N THR B 8 -6.74 -20.95 23.65
CA THR B 8 -7.35 -19.72 23.17
C THR B 8 -6.32 -18.86 22.45
N LEU B 9 -6.45 -18.77 21.12
CA LEU B 9 -5.56 -17.94 20.32
C LEU B 9 -5.99 -16.49 20.44
N PHE B 10 -5.08 -15.57 20.10
CA PHE B 10 -5.47 -14.18 19.94
C PHE B 10 -5.08 -13.72 18.54
N CYS B 11 -5.64 -12.59 18.11
CA CYS B 11 -5.38 -12.12 16.75
C CYS B 11 -4.64 -10.79 16.76
N ALA B 12 -3.92 -10.53 15.67
CA ALA B 12 -3.18 -9.28 15.53
C ALA B 12 -3.35 -8.75 14.12
N SER B 13 -3.44 -7.42 13.99
CA SER B 13 -3.65 -6.81 12.67
C SER B 13 -3.05 -5.41 12.62
N ASP B 14 -3.10 -4.81 11.43
CA ASP B 14 -2.66 -3.43 11.24
C ASP B 14 -3.88 -2.56 10.95
N ALA B 15 -4.99 -2.88 11.60
CA ALA B 15 -6.25 -2.17 11.38
C ALA B 15 -6.20 -0.71 11.82
N LYS B 16 -6.91 0.15 11.09
CA LYS B 16 -6.94 1.57 11.38
C LYS B 16 -8.16 1.95 12.22
N ALA B 17 -7.93 2.70 13.30
CA ALA B 17 -8.94 2.92 14.34
C ALA B 17 -10.05 3.93 13.98
N HIS B 18 -9.78 4.77 12.99
CA HIS B 18 -10.72 5.83 12.59
C HIS B 18 -11.72 5.36 11.53
N GLU B 19 -11.49 4.17 10.99
CA GLU B 19 -12.21 3.66 9.83
C GLU B 19 -13.62 3.16 10.10
N THR B 20 -14.50 3.30 9.10
CA THR B 20 -15.83 2.70 9.14
C THR B 20 -15.84 1.33 8.47
N GLU B 21 -14.79 1.01 7.72
CA GLU B 21 -14.69 -0.30 7.08
C GLU B 21 -14.74 -1.37 8.17
N VAL B 22 -15.62 -2.36 7.96
CA VAL B 22 -16.02 -3.28 9.03
C VAL B 22 -14.93 -4.23 9.54
N HIS B 23 -14.06 -4.68 8.65
CA HIS B 23 -12.95 -5.55 9.08
C HIS B 23 -11.99 -4.77 9.96
N ASN B 24 -11.75 -3.53 9.58
CA ASN B 24 -10.93 -2.62 10.40
C ASN B 24 -11.54 -2.37 11.76
N VAL B 25 -12.84 -2.08 11.78
CA VAL B 25 -13.57 -1.83 13.02
C VAL B 25 -13.49 -3.03 13.95
N TRP B 26 -13.78 -4.21 13.40
CA TRP B 26 -13.77 -5.44 14.18
C TRP B 26 -12.38 -5.73 14.75
N ALA B 27 -11.36 -5.62 13.92
CA ALA B 27 -9.98 -5.88 14.33
C ALA B 27 -9.47 -4.82 15.32
N THR B 28 -10.02 -3.61 15.23
CA THR B 28 -9.67 -2.53 16.16
C THR B 28 -9.97 -2.92 17.60
N HIS B 29 -11.13 -3.54 17.83
CA HIS B 29 -11.57 -3.88 19.18
C HIS B 29 -11.37 -5.36 19.56
N ALA B 30 -10.91 -6.17 18.60
CA ALA B 30 -10.75 -7.61 18.82
C ALA B 30 -9.29 -8.09 18.71
N CYS B 31 -8.43 -7.27 18.11
CA CYS B 31 -7.05 -7.66 17.89
C CYS B 31 -6.03 -6.67 18.49
N VAL B 32 -4.78 -7.10 18.57
CA VAL B 32 -3.68 -6.27 19.06
C VAL B 32 -2.80 -5.89 17.86
N PRO B 33 -1.92 -4.89 18.01
CA PRO B 33 -1.05 -4.56 16.87
C PRO B 33 -0.08 -5.68 16.51
N THR B 34 0.41 -5.68 15.27
CA THR B 34 1.36 -6.70 14.82
C THR B 34 2.77 -6.44 15.33
N ASP B 35 3.62 -7.47 15.27
CA ASP B 35 5.03 -7.36 15.62
C ASP B 35 5.82 -7.03 14.34
N PRO B 36 6.53 -5.89 14.35
CA PRO B 36 7.36 -5.46 13.22
C PRO B 36 8.52 -6.43 12.94
N ASN B 37 9.06 -7.02 14.01
CA ASN B 37 10.21 -7.90 13.89
C ASN B 37 9.98 -9.30 14.49
N PRO B 38 9.06 -10.08 13.90
CA PRO B 38 8.76 -11.40 14.47
C PRO B 38 9.91 -12.38 14.30
N GLN B 39 10.18 -13.19 15.32
CA GLN B 39 11.23 -14.18 15.24
C GLN B 39 10.68 -15.52 14.79
N GLU B 40 11.48 -16.24 14.01
CA GLU B 40 11.13 -17.58 13.57
C GLU B 40 12.32 -18.48 13.83
N ILE B 41 12.12 -19.51 14.63
CA ILE B 41 13.20 -20.42 14.97
C ILE B 41 13.04 -21.75 14.25
N HIS B 42 13.95 -22.03 13.34
CA HIS B 42 14.00 -23.33 12.68
C HIS B 42 14.41 -24.39 13.69
N LEU B 43 13.62 -25.45 13.80
CA LEU B 43 13.87 -26.50 14.76
C LEU B 43 14.77 -27.58 14.15
N GLU B 44 16.05 -27.56 14.52
CA GLU B 44 17.05 -28.49 14.00
C GLU B 44 16.65 -29.95 14.07
N ASN B 45 16.69 -30.62 12.92
CA ASN B 45 16.56 -32.07 12.85
C ASN B 45 15.22 -32.59 13.39
N VAL B 46 14.26 -31.68 13.54
CA VAL B 46 12.96 -32.01 14.08
C VAL B 46 11.99 -32.39 12.98
N THR B 47 11.18 -33.42 13.24
CA THR B 47 10.16 -33.89 12.30
C THR B 47 8.82 -33.95 13.02
N GLU B 48 7.82 -33.24 12.47
CA GLU B 48 6.51 -33.15 13.11
C GLU B 48 5.39 -33.64 12.20
N ASN B 49 4.37 -34.23 12.81
CA ASN B 49 3.16 -34.62 12.10
C ASN B 49 2.13 -33.50 12.09
N PHE B 50 1.56 -33.24 10.91
CA PHE B 50 0.50 -32.25 10.79
C PHE B 50 -0.76 -32.91 10.28
N ASN B 51 -1.91 -32.32 10.63
CA ASN B 51 -3.18 -32.71 10.06
C ASN B 51 -4.05 -31.48 9.88
N MET B 52 -3.99 -30.90 8.67
CA MET B 52 -4.75 -29.70 8.34
C MET B 52 -6.24 -29.90 8.44
N TRP B 53 -6.67 -31.16 8.42
CA TRP B 53 -8.10 -31.48 8.41
C TRP B 53 -8.68 -31.67 9.80
N LYS B 54 -7.79 -31.72 10.80
CA LYS B 54 -8.19 -31.68 12.20
C LYS B 54 -7.31 -30.66 12.92
N ASN B 55 -7.74 -29.41 12.87
CA ASN B 55 -6.94 -28.31 13.39
C ASN B 55 -7.82 -27.25 14.03
N ASN B 56 -7.74 -27.12 15.35
CA ASN B 56 -8.58 -26.20 16.11
C ASN B 56 -8.41 -24.74 15.69
N MET B 57 -7.29 -24.44 15.03
CA MET B 57 -7.05 -23.10 14.51
C MET B 57 -8.13 -22.70 13.51
N VAL B 58 -8.59 -23.68 12.72
CA VAL B 58 -9.64 -23.47 11.73
C VAL B 58 -10.95 -23.06 12.40
N GLU B 59 -11.37 -23.84 13.39
CA GLU B 59 -12.60 -23.54 14.13
C GLU B 59 -12.57 -22.15 14.75
N GLN B 60 -11.41 -21.77 15.29
CA GLN B 60 -11.26 -20.46 15.92
C GLN B 60 -11.32 -19.32 14.93
N MET B 61 -10.71 -19.50 13.76
CA MET B 61 -10.81 -18.49 12.71
C MET B 61 -12.25 -18.38 12.23
N GLN B 62 -12.90 -19.52 12.04
CA GLN B 62 -14.31 -19.57 11.66
C GLN B 62 -15.17 -18.79 12.65
N GLU B 63 -14.90 -19.01 13.94
CA GLU B 63 -15.66 -18.34 14.99
C GLU B 63 -15.49 -16.81 14.93
N ASP B 64 -14.28 -16.37 14.61
CA ASP B 64 -14.01 -14.93 14.45
C ASP B 64 -14.79 -14.33 13.28
N VAL B 65 -14.72 -14.98 12.13
CA VAL B 65 -15.36 -14.47 10.92
C VAL B 65 -16.88 -14.44 11.04
N ILE B 66 -17.44 -15.46 11.70
CA ILE B 66 -18.87 -15.49 11.98
C ILE B 66 -19.24 -14.31 12.86
N SER B 67 -18.41 -14.03 13.86
CA SER B 67 -18.62 -12.91 14.76
C SER B 67 -18.59 -11.58 14.00
N LEU B 68 -17.60 -11.43 13.10
CA LEU B 68 -17.48 -10.23 12.29
C LEU B 68 -18.72 -10.03 11.42
N TRP B 69 -19.10 -11.08 10.70
CA TRP B 69 -20.24 -11.02 9.78
C TRP B 69 -21.56 -10.75 10.52
N ASP B 70 -21.73 -11.36 11.69
CA ASP B 70 -22.94 -11.17 12.49
C ASP B 70 -23.07 -9.73 12.98
N GLN B 71 -21.95 -9.10 13.30
CA GLN B 71 -21.93 -7.72 13.77
C GLN B 71 -22.08 -6.71 12.62
N SER B 72 -21.53 -7.07 11.47
CA SER B 72 -21.32 -6.10 10.39
C SER B 72 -22.28 -6.18 9.21
N LEU B 73 -22.72 -7.38 8.86
CA LEU B 73 -23.57 -7.58 7.68
C LEU B 73 -25.00 -8.00 8.04
N GLN B 74 -25.71 -7.13 8.75
CA GLN B 74 -27.08 -7.40 9.13
C GLN B 74 -28.04 -7.13 7.97
N PRO B 75 -28.85 -8.15 7.62
CA PRO B 75 -29.81 -8.09 6.52
C PRO B 75 -31.09 -7.34 6.88
N CYS B 76 -31.89 -6.99 5.88
CA CYS B 76 -33.15 -6.30 6.09
C CYS B 76 -34.12 -7.26 6.75
N VAL B 77 -34.10 -8.49 6.28
CA VAL B 77 -34.92 -9.55 6.86
C VAL B 77 -34.09 -10.82 7.08
N LYS B 78 -34.20 -11.36 8.28
CA LYS B 78 -33.45 -12.54 8.69
C LYS B 78 -34.44 -13.67 8.93
N LEU B 79 -34.27 -14.77 8.20
CA LEU B 79 -35.16 -15.92 8.34
C LEU B 79 -34.36 -17.10 8.87
N THR B 80 -34.22 -17.17 10.18
CA THR B 80 -33.38 -18.17 10.84
C THR B 80 -33.96 -19.56 10.70
N GLY B 81 -35.28 -19.61 10.53
CA GLY B 81 -36.01 -20.86 10.49
C GLY B 81 -37.33 -20.66 11.19
N GLY B 82 -38.19 -19.86 10.57
CA GLY B 82 -39.50 -19.57 11.14
C GLY B 82 -39.49 -18.42 12.12
N SER B 83 -38.32 -18.12 12.67
CA SER B 83 -38.15 -16.94 13.51
C SER B 83 -37.82 -15.74 12.63
N VAL B 84 -38.79 -15.32 11.83
CA VAL B 84 -38.61 -14.21 10.89
C VAL B 84 -38.33 -12.90 11.62
N ILE B 85 -37.17 -12.31 11.32
CA ILE B 85 -36.76 -11.05 11.92
C ILE B 85 -36.55 -10.02 10.82
N LYS B 86 -36.99 -8.79 11.07
CA LYS B 86 -36.79 -7.68 10.14
C LYS B 86 -36.16 -6.51 10.88
N GLN B 87 -35.01 -6.05 10.39
CA GLN B 87 -34.32 -4.94 11.01
C GLN B 87 -33.78 -3.98 9.96
N ALA B 88 -33.07 -2.96 10.42
CA ALA B 88 -32.38 -2.05 9.52
C ALA B 88 -31.31 -2.84 8.77
N CYS B 89 -30.96 -2.38 7.58
CA CYS B 89 -29.91 -3.02 6.80
C CYS B 89 -29.16 -2.01 5.97
N PRO B 90 -28.43 -1.10 6.63
CA PRO B 90 -27.77 -0.07 5.82
C PRO B 90 -26.55 -0.62 5.08
N LYS B 91 -26.12 0.11 4.07
CA LYS B 91 -24.92 -0.26 3.30
C LYS B 91 -23.67 -0.01 4.12
N ILE B 92 -22.65 -0.85 3.90
CA ILE B 92 -21.42 -0.77 4.65
C ILE B 92 -20.19 -0.60 3.76
N SER B 93 -19.05 -0.35 4.39
CA SER B 93 -17.76 -0.40 3.72
C SER B 93 -17.14 -1.76 4.04
N PHE B 94 -16.78 -2.51 3.01
CA PHE B 94 -16.39 -3.90 3.18
C PHE B 94 -15.20 -4.28 2.28
N ASP B 95 -14.08 -4.62 2.90
CA ASP B 95 -12.90 -5.11 2.20
C ASP B 95 -11.97 -5.77 3.22
N PRO B 96 -11.86 -7.10 3.17
CA PRO B 96 -11.08 -7.88 4.13
C PRO B 96 -9.63 -7.43 4.26
N ILE B 97 -9.12 -7.39 5.49
CA ILE B 97 -7.73 -7.06 5.75
C ILE B 97 -7.04 -8.29 6.34
N PRO B 98 -5.69 -8.34 6.27
CA PRO B 98 -5.00 -9.51 6.83
C PRO B 98 -5.10 -9.61 8.35
N ILE B 99 -5.41 -10.81 8.84
CA ILE B 99 -5.45 -11.09 10.27
C ILE B 99 -4.42 -12.17 10.62
N HIS B 100 -3.61 -11.92 11.64
CA HIS B 100 -2.64 -12.92 12.10
C HIS B 100 -3.20 -13.66 13.30
N TYR B 101 -2.94 -14.96 13.37
CA TYR B 101 -3.37 -15.73 14.53
C TYR B 101 -2.19 -16.15 15.40
N CYS B 102 -2.29 -15.87 16.68
CA CYS B 102 -1.13 -15.97 17.58
C CYS B 102 -1.41 -16.78 18.84
N THR B 103 -0.35 -17.39 19.36
CA THR B 103 -0.43 -18.17 20.59
C THR B 103 -0.04 -17.31 21.80
N PRO B 104 -0.67 -17.55 22.96
CA PRO B 104 -0.33 -16.86 24.20
C PRO B 104 0.89 -17.50 24.87
N ALA B 105 1.29 -16.98 26.03
CA ALA B 105 2.43 -17.50 26.77
C ALA B 105 2.29 -18.99 27.08
N GLY B 106 3.39 -19.73 26.92
CA GLY B 106 3.39 -21.16 27.20
C GLY B 106 2.97 -22.01 26.01
N TYR B 107 2.66 -21.35 24.90
CA TYR B 107 2.35 -22.05 23.66
C TYR B 107 3.14 -21.45 22.50
N VAL B 108 3.27 -22.23 21.42
CA VAL B 108 4.00 -21.82 20.24
C VAL B 108 3.32 -22.44 19.01
N ILE B 109 3.38 -21.75 17.87
CA ILE B 109 2.92 -22.32 16.60
C ILE B 109 4.10 -22.95 15.86
N LEU B 110 3.94 -24.21 15.47
CA LEU B 110 4.94 -24.87 14.63
C LEU B 110 4.52 -24.73 13.17
N LYS B 111 5.49 -24.47 12.30
CA LYS B 111 5.23 -24.13 10.91
C LYS B 111 5.92 -25.12 9.99
N CYS B 112 5.17 -25.84 9.18
CA CYS B 112 5.76 -26.77 8.23
C CYS B 112 6.24 -26.04 6.98
N ASN B 113 7.54 -26.15 6.68
CA ASN B 113 8.13 -25.41 5.57
C ASN B 113 8.50 -26.27 4.37
N ASP B 114 8.10 -27.55 4.40
CA ASP B 114 8.23 -28.42 3.23
C ASP B 114 7.51 -27.79 2.04
N LYS B 115 8.26 -27.45 1.00
CA LYS B 115 7.74 -26.75 -0.18
C LYS B 115 6.64 -27.53 -0.88
N ASN B 116 6.60 -28.84 -0.66
CA ASN B 116 5.65 -29.74 -1.29
C ASN B 116 4.62 -30.31 -0.30
N PHE B 117 4.57 -29.73 0.90
CA PHE B 117 3.69 -30.20 1.95
C PHE B 117 2.21 -30.22 1.53
N ASN B 118 1.60 -31.38 1.60
CA ASN B 118 0.21 -31.54 1.17
C ASN B 118 -0.82 -31.29 2.27
N GLY B 119 -0.35 -31.06 3.49
CA GLY B 119 -1.25 -30.73 4.58
C GLY B 119 -1.56 -31.89 5.51
N THR B 120 -1.16 -33.09 5.12
CA THR B 120 -1.36 -34.29 5.94
C THR B 120 -0.05 -35.07 6.11
N GLY B 121 0.19 -35.55 7.33
CA GLY B 121 1.36 -36.36 7.61
C GLY B 121 2.54 -35.58 8.14
N PRO B 122 3.76 -36.14 7.96
CA PRO B 122 4.98 -35.57 8.52
C PRO B 122 5.57 -34.42 7.70
N CYS B 123 6.34 -33.57 8.38
CA CYS B 123 7.03 -32.45 7.75
C CYS B 123 8.44 -32.39 8.32
N LYS B 124 9.44 -32.23 7.45
CA LYS B 124 10.83 -32.38 7.84
C LYS B 124 11.52 -31.05 8.14
N ASN B 125 10.93 -29.97 7.64
CA ASN B 125 11.50 -28.64 7.81
C ASN B 125 10.57 -27.76 8.64
N VAL B 126 10.73 -27.86 9.96
CA VAL B 126 9.80 -27.24 10.91
C VAL B 126 10.41 -26.01 11.59
N SER B 127 9.64 -24.92 11.65
CA SER B 127 10.05 -23.73 12.39
C SER B 127 9.04 -23.37 13.48
N SER B 128 9.41 -22.45 14.36
CA SER B 128 8.57 -22.05 15.49
C SER B 128 8.28 -20.55 15.44
N VAL B 129 7.00 -20.20 15.39
CA VAL B 129 6.59 -18.79 15.31
C VAL B 129 5.53 -18.48 16.35
N GLN B 130 5.34 -17.20 16.64
CA GLN B 130 4.30 -16.78 17.57
C GLN B 130 2.99 -16.58 16.84
N CYS B 131 3.09 -16.12 15.59
CA CYS B 131 1.91 -15.79 14.81
C CYS B 131 1.93 -16.40 13.40
N THR B 132 0.76 -16.59 12.82
CA THR B 132 0.63 -17.01 11.43
C THR B 132 0.90 -15.82 10.53
N HIS B 133 0.99 -16.05 9.23
CA HIS B 133 1.06 -14.95 8.28
C HIS B 133 -0.28 -14.23 8.24
N GLY B 134 -0.34 -13.08 7.60
CA GLY B 134 -1.57 -12.31 7.52
C GLY B 134 -2.57 -12.96 6.58
N ILE B 135 -3.68 -13.41 7.14
CA ILE B 135 -4.70 -14.11 6.35
C ILE B 135 -5.96 -13.25 6.20
N LYS B 136 -6.35 -12.99 4.96
CA LYS B 136 -7.61 -12.30 4.69
C LYS B 136 -8.78 -13.28 4.78
N PRO B 137 -9.78 -12.95 5.60
CA PRO B 137 -10.95 -13.80 5.79
C PRO B 137 -11.93 -13.66 4.63
N VAL B 138 -11.48 -14.01 3.42
CA VAL B 138 -12.32 -13.92 2.23
C VAL B 138 -13.29 -15.10 2.17
N VAL B 139 -14.59 -14.81 2.26
CA VAL B 139 -15.62 -15.84 2.17
C VAL B 139 -16.03 -16.02 0.71
N SER B 140 -15.82 -17.22 0.18
CA SER B 140 -16.16 -17.50 -1.22
C SER B 140 -16.43 -18.99 -1.42
N THR B 141 -17.02 -19.32 -2.57
CA THR B 141 -17.18 -20.71 -2.96
C THR B 141 -16.48 -20.95 -4.29
N GLN B 142 -16.25 -22.22 -4.62
CA GLN B 142 -15.62 -22.62 -5.88
C GLN B 142 -14.16 -22.17 -6.00
N LEU B 143 -13.95 -20.85 -6.01
CA LEU B 143 -12.61 -20.30 -6.19
C LEU B 143 -12.12 -19.62 -4.91
N LEU B 144 -10.87 -19.89 -4.54
CA LEU B 144 -10.24 -19.23 -3.40
C LEU B 144 -9.56 -17.95 -3.87
N LEU B 145 -9.85 -16.84 -3.21
CA LEU B 145 -9.44 -15.53 -3.69
C LEU B 145 -8.50 -14.80 -2.73
N ASN B 146 -7.58 -14.02 -3.29
CA ASN B 146 -6.65 -13.20 -2.52
C ASN B 146 -5.88 -13.97 -1.45
N GLY B 147 -5.58 -15.24 -1.74
CA GLY B 147 -4.92 -16.09 -0.77
C GLY B 147 -3.43 -16.26 -1.03
N SER B 148 -2.83 -17.24 -0.37
CA SER B 148 -1.42 -17.56 -0.61
C SER B 148 -1.29 -18.59 -1.73
N LEU B 149 -0.17 -18.57 -2.44
CA LEU B 149 0.10 -19.56 -3.48
C LEU B 149 1.09 -20.62 -2.97
N ALA B 150 0.99 -21.83 -3.51
CA ALA B 150 1.99 -22.86 -3.24
C ALA B 150 3.31 -22.43 -3.85
N GLU B 151 4.42 -22.80 -3.23
CA GLU B 151 5.72 -22.26 -3.61
C GLU B 151 6.42 -22.98 -4.77
N GLU B 152 6.00 -24.22 -5.04
CA GLU B 152 6.59 -24.95 -6.15
C GLU B 152 5.54 -25.49 -7.11
N GLU B 153 5.16 -26.75 -6.94
CA GLU B 153 4.17 -27.37 -7.81
C GLU B 153 2.76 -27.13 -7.30
N ILE B 154 1.77 -27.27 -8.19
CA ILE B 154 0.37 -27.27 -7.78
C ILE B 154 0.18 -28.39 -6.76
N ILE B 155 -0.52 -28.09 -5.68
CA ILE B 155 -0.71 -29.06 -4.61
C ILE B 155 -2.17 -29.48 -4.54
N ILE B 156 -2.40 -30.79 -4.51
CA ILE B 156 -3.73 -31.32 -4.27
C ILE B 156 -3.82 -31.72 -2.81
N ARG B 157 -4.88 -31.27 -2.12
CA ARG B 157 -5.06 -31.57 -0.71
C ARG B 157 -6.41 -32.22 -0.45
N SER B 158 -6.41 -33.26 0.37
CA SER B 158 -7.64 -33.92 0.78
C SER B 158 -7.37 -34.76 2.02
N GLU B 159 -8.40 -35.00 2.82
CA GLU B 159 -8.26 -35.82 4.02
C GLU B 159 -8.17 -37.28 3.60
N ASN B 160 -8.86 -37.59 2.49
CA ASN B 160 -8.85 -38.93 1.90
C ASN B 160 -9.22 -38.76 0.43
N LEU B 161 -8.20 -38.74 -0.43
CA LEU B 161 -8.39 -38.50 -1.86
C LEU B 161 -9.31 -39.54 -2.50
N THR B 162 -9.21 -40.78 -2.03
CA THR B 162 -9.99 -41.89 -2.53
C THR B 162 -11.47 -41.75 -2.15
N ASN B 163 -11.72 -41.22 -0.96
CA ASN B 163 -13.08 -40.92 -0.50
C ASN B 163 -13.63 -39.68 -1.19
N ASN B 164 -14.47 -39.91 -2.20
CA ASN B 164 -15.08 -38.84 -2.99
C ASN B 164 -16.07 -37.95 -2.21
N ALA B 165 -16.33 -38.30 -0.95
CA ALA B 165 -17.18 -37.48 -0.10
C ALA B 165 -16.38 -36.33 0.50
N LYS B 166 -15.06 -36.42 0.41
CA LYS B 166 -14.17 -35.40 0.96
C LYS B 166 -13.82 -34.31 -0.06
N THR B 167 -13.93 -33.06 0.36
CA THR B 167 -13.57 -31.89 -0.44
C THR B 167 -12.10 -31.96 -0.85
N ILE B 168 -11.81 -31.55 -2.09
CA ILE B 168 -10.43 -31.42 -2.54
C ILE B 168 -10.05 -29.95 -2.60
N ILE B 169 -8.87 -29.61 -2.09
CA ILE B 169 -8.37 -28.24 -2.17
C ILE B 169 -7.18 -28.15 -3.11
N VAL B 170 -7.37 -27.48 -4.24
CA VAL B 170 -6.28 -27.27 -5.19
C VAL B 170 -5.55 -25.97 -4.84
N HIS B 171 -4.26 -26.09 -4.54
CA HIS B 171 -3.44 -24.92 -4.23
C HIS B 171 -2.63 -24.56 -5.46
N LEU B 172 -2.98 -23.44 -6.10
CA LEU B 172 -2.30 -23.00 -7.31
C LEU B 172 -0.92 -22.44 -6.98
N ASN B 173 -0.03 -22.40 -7.98
CA ASN B 173 1.29 -21.84 -7.79
C ASN B 173 1.54 -20.60 -8.65
N LYS B 174 0.51 -20.17 -9.37
CA LYS B 174 0.55 -18.92 -10.12
C LYS B 174 -0.86 -18.35 -10.18
N SER B 175 -1.03 -17.11 -9.71
CA SER B 175 -2.35 -16.50 -9.65
C SER B 175 -3.00 -16.38 -11.02
N VAL B 176 -4.33 -16.41 -11.03
CA VAL B 176 -5.09 -16.05 -12.22
C VAL B 176 -6.05 -14.93 -11.83
N GLU B 177 -5.83 -13.76 -12.41
CA GLU B 177 -6.62 -12.58 -12.09
C GLU B 177 -8.07 -12.76 -12.54
N ILE B 178 -9.00 -12.45 -11.65
CA ILE B 178 -10.41 -12.43 -12.02
C ILE B 178 -11.00 -11.04 -11.76
N ASN B 179 -11.52 -10.43 -12.82
CA ASN B 179 -11.96 -9.04 -12.79
C ASN B 179 -13.48 -8.92 -12.87
N CYS B 180 -14.13 -8.79 -11.72
CA CYS B 180 -15.58 -8.74 -11.66
C CYS B 180 -16.10 -7.31 -11.55
N THR B 181 -17.07 -6.96 -12.40
CA THR B 181 -17.58 -5.59 -12.44
C THR B 181 -19.10 -5.52 -12.63
N ARG B 182 -19.74 -4.61 -11.90
CA ARG B 182 -21.11 -4.19 -12.18
C ARG B 182 -20.99 -2.75 -12.68
N PRO B 183 -21.09 -2.53 -13.99
CA PRO B 183 -20.88 -1.20 -14.58
C PRO B 183 -21.90 -0.17 -14.06
N SER B 184 -21.56 1.12 -14.17
CA SER B 184 -22.42 2.17 -13.63
C SER B 184 -23.77 2.25 -14.36
N ASN B 185 -23.73 2.27 -15.68
CA ASN B 185 -24.93 2.31 -16.50
C ASN B 185 -24.92 1.24 -17.58
N GLY B 192 -30.04 -0.04 -17.46
CA GLY B 192 -30.11 -1.47 -17.65
C GLY B 192 -30.45 -2.22 -16.39
N ASP B 193 -30.01 -3.48 -16.29
CA ASP B 193 -30.27 -4.29 -15.11
C ASP B 193 -29.18 -4.12 -14.05
N ILE B 194 -29.57 -3.57 -12.91
CA ILE B 194 -28.66 -3.18 -11.83
C ILE B 194 -28.05 -4.37 -11.09
N ARG B 195 -28.59 -5.56 -11.34
CA ARG B 195 -28.10 -6.78 -10.69
C ARG B 195 -27.22 -7.58 -11.64
N LYS B 196 -27.17 -7.14 -12.88
CA LYS B 196 -26.35 -7.79 -13.89
C LYS B 196 -24.89 -7.36 -13.75
N ALA B 197 -24.00 -8.35 -13.73
CA ALA B 197 -22.56 -8.09 -13.63
C ALA B 197 -21.80 -9.19 -14.38
N TYR B 198 -20.48 -9.09 -14.38
CA TYR B 198 -19.66 -10.03 -15.14
C TYR B 198 -18.24 -10.10 -14.60
N CYS B 199 -17.61 -11.26 -14.75
CA CYS B 199 -16.22 -11.45 -14.35
C CYS B 199 -15.36 -11.79 -15.56
N GLU B 200 -14.29 -11.03 -15.76
CA GLU B 200 -13.39 -11.27 -16.87
C GLU B 200 -12.15 -12.02 -16.42
N ILE B 201 -11.81 -13.08 -17.16
CA ILE B 201 -10.59 -13.83 -16.89
C ILE B 201 -9.80 -13.98 -18.19
N ASN B 202 -8.49 -13.71 -18.12
CA ASN B 202 -7.61 -14.00 -19.25
C ASN B 202 -7.65 -15.50 -19.50
N GLY B 203 -8.42 -15.91 -20.50
CA GLY B 203 -8.69 -17.31 -20.77
C GLY B 203 -7.49 -18.15 -21.15
N THR B 204 -6.43 -17.52 -21.62
CA THR B 204 -5.19 -18.22 -21.92
C THR B 204 -4.54 -18.72 -20.63
N LYS B 205 -4.34 -17.80 -19.69
CA LYS B 205 -3.74 -18.14 -18.40
C LYS B 205 -4.57 -19.14 -17.61
N TRP B 206 -5.90 -19.03 -17.70
CA TRP B 206 -6.79 -19.94 -16.98
C TRP B 206 -6.75 -21.36 -17.55
N ASN B 207 -6.98 -21.48 -18.85
CA ASN B 207 -6.96 -22.77 -19.52
C ASN B 207 -5.59 -23.44 -19.41
N LYS B 208 -4.55 -22.63 -19.28
CA LYS B 208 -3.21 -23.14 -18.99
C LYS B 208 -3.17 -23.79 -17.60
N VAL B 209 -3.46 -23.00 -16.57
CA VAL B 209 -3.47 -23.47 -15.19
C VAL B 209 -4.35 -24.71 -15.00
N LEU B 210 -5.53 -24.68 -15.62
CA LEU B 210 -6.47 -25.80 -15.53
C LEU B 210 -5.91 -27.09 -16.13
N LYS B 211 -5.16 -26.95 -17.22
CA LYS B 211 -4.43 -28.08 -17.82
C LYS B 211 -3.48 -28.72 -16.81
N GLN B 212 -2.68 -27.89 -16.14
CA GLN B 212 -1.74 -28.38 -15.13
C GLN B 212 -2.47 -29.01 -13.95
N VAL B 213 -3.58 -28.39 -13.53
CA VAL B 213 -4.45 -28.98 -12.51
C VAL B 213 -4.92 -30.36 -12.96
N THR B 214 -5.39 -30.44 -14.20
CA THR B 214 -5.78 -31.70 -14.83
C THR B 214 -4.63 -32.71 -14.78
N GLU B 215 -3.44 -32.25 -15.15
CA GLU B 215 -2.23 -33.06 -15.11
C GLU B 215 -1.92 -33.57 -13.69
N LYS B 216 -2.03 -32.68 -12.70
CA LYS B 216 -1.76 -33.04 -11.31
C LYS B 216 -2.77 -34.06 -10.77
N LEU B 217 -4.03 -33.89 -11.18
CA LEU B 217 -5.09 -34.83 -10.78
C LEU B 217 -4.85 -36.22 -11.36
N LYS B 218 -4.30 -36.27 -12.57
CA LYS B 218 -3.92 -37.54 -13.20
C LYS B 218 -2.99 -38.35 -12.29
N GLU B 219 -1.99 -37.69 -11.72
CA GLU B 219 -0.95 -38.37 -10.95
C GLU B 219 -1.50 -39.10 -9.73
N HIS B 220 -2.53 -38.53 -9.12
CA HIS B 220 -3.14 -39.11 -7.93
C HIS B 220 -4.19 -40.15 -8.29
N PHE B 221 -4.64 -40.15 -9.55
CA PHE B 221 -5.73 -40.99 -9.98
C PHE B 221 -5.38 -41.84 -11.19
N ASN B 222 -4.16 -42.35 -11.21
CA ASN B 222 -3.74 -43.32 -12.22
C ASN B 222 -4.06 -42.94 -13.66
N ASN B 223 -3.82 -41.68 -14.02
CA ASN B 223 -3.92 -41.19 -15.39
C ASN B 223 -5.26 -41.36 -16.10
N LYS B 224 -6.23 -41.96 -15.43
CA LYS B 224 -7.56 -42.08 -16.03
C LYS B 224 -8.13 -40.69 -16.28
N THR B 225 -8.58 -40.49 -17.53
CA THR B 225 -9.00 -39.18 -18.04
C THR B 225 -9.70 -38.27 -17.03
N ILE B 226 -9.17 -37.06 -16.88
CA ILE B 226 -9.68 -36.11 -15.92
C ILE B 226 -10.66 -35.15 -16.59
N ILE B 227 -11.91 -35.19 -16.14
CA ILE B 227 -12.95 -34.34 -16.70
C ILE B 227 -13.39 -33.30 -15.69
N PHE B 228 -13.61 -32.07 -16.17
CA PHE B 228 -14.29 -31.07 -15.36
C PHE B 228 -15.72 -30.92 -15.85
N GLN B 229 -16.66 -31.00 -14.90
CA GLN B 229 -18.07 -30.79 -15.21
C GLN B 229 -18.61 -29.72 -14.25
N PRO B 230 -19.67 -29.01 -14.67
CA PRO B 230 -20.31 -28.03 -13.78
C PRO B 230 -21.03 -28.73 -12.63
N PRO B 231 -21.35 -28.02 -11.54
CA PRO B 231 -22.00 -28.64 -10.38
C PRO B 231 -23.31 -29.34 -10.76
N SER B 232 -23.45 -30.62 -10.37
CA SER B 232 -24.62 -31.42 -10.71
C SER B 232 -25.94 -30.87 -10.16
N GLY B 233 -25.86 -30.05 -9.12
CA GLY B 233 -27.05 -29.51 -8.49
C GLY B 233 -26.79 -29.06 -7.07
N GLY B 234 -27.74 -28.32 -6.50
CA GLY B 234 -27.60 -27.80 -5.16
C GLY B 234 -27.98 -26.34 -5.09
N ASP B 235 -27.71 -25.71 -3.95
CA ASP B 235 -28.01 -24.30 -3.79
C ASP B 235 -27.09 -23.45 -4.66
N LEU B 236 -27.54 -22.23 -4.99
CA LEU B 236 -26.80 -21.33 -5.88
C LEU B 236 -25.40 -21.01 -5.36
N GLU B 237 -25.29 -20.78 -4.07
CA GLU B 237 -24.02 -20.46 -3.42
C GLU B 237 -22.96 -21.53 -3.73
N ILE B 238 -23.41 -22.75 -4.02
CA ILE B 238 -22.49 -23.85 -4.33
C ILE B 238 -22.38 -24.08 -5.84
N THR B 239 -23.50 -23.94 -6.55
CA THR B 239 -23.51 -24.15 -8.00
C THR B 239 -22.80 -23.03 -8.75
N MET B 240 -22.66 -21.88 -8.10
CA MET B 240 -22.01 -20.73 -8.71
C MET B 240 -20.82 -20.27 -7.86
N HIS B 241 -19.96 -19.45 -8.46
CA HIS B 241 -18.89 -18.80 -7.71
C HIS B 241 -19.50 -17.64 -6.94
N SER B 242 -19.63 -17.79 -5.63
CA SER B 242 -20.23 -16.77 -4.80
C SER B 242 -19.17 -16.06 -3.97
N PHE B 243 -19.28 -14.74 -3.85
CA PHE B 243 -18.34 -13.95 -3.08
C PHE B 243 -18.96 -12.61 -2.72
N ASN B 244 -18.31 -11.86 -1.84
CA ASN B 244 -18.78 -10.53 -1.49
C ASN B 244 -17.83 -9.44 -2.00
N CYS B 245 -18.39 -8.51 -2.77
CA CYS B 245 -17.63 -7.40 -3.35
C CYS B 245 -18.28 -6.07 -2.97
N ARG B 246 -17.54 -5.25 -2.23
CA ARG B 246 -18.03 -3.94 -1.77
C ARG B 246 -19.36 -4.05 -1.01
N GLY B 247 -19.51 -5.12 -0.23
CA GLY B 247 -20.73 -5.32 0.55
C GLY B 247 -21.81 -6.09 -0.20
N GLU B 248 -21.66 -6.19 -1.51
CA GLU B 248 -22.67 -6.84 -2.36
C GLU B 248 -22.35 -8.32 -2.56
N PHE B 249 -23.40 -9.14 -2.60
CA PHE B 249 -23.22 -10.57 -2.82
C PHE B 249 -23.30 -10.93 -4.31
N PHE B 250 -22.15 -11.34 -4.86
CA PHE B 250 -22.05 -11.71 -6.27
C PHE B 250 -22.23 -13.21 -6.45
N TYR B 251 -22.96 -13.58 -7.49
CA TYR B 251 -23.13 -14.99 -7.88
C TYR B 251 -22.72 -15.14 -9.35
N CYS B 252 -21.65 -15.89 -9.60
CA CYS B 252 -21.12 -15.97 -10.96
C CYS B 252 -21.10 -17.39 -11.52
N ASN B 253 -21.70 -17.54 -12.71
CA ASN B 253 -21.73 -18.80 -13.43
C ASN B 253 -20.33 -19.18 -13.90
N THR B 254 -19.85 -20.36 -13.50
CA THR B 254 -18.49 -20.81 -13.82
C THR B 254 -18.44 -21.98 -14.80
N THR B 255 -19.53 -22.19 -15.56
CA THR B 255 -19.58 -23.28 -16.54
C THR B 255 -18.43 -23.16 -17.55
N GLN B 256 -18.15 -21.93 -17.98
CA GLN B 256 -17.12 -21.65 -18.97
C GLN B 256 -15.71 -21.90 -18.46
N LEU B 257 -15.53 -21.85 -17.15
CA LEU B 257 -14.21 -22.00 -16.53
C LEU B 257 -13.75 -23.44 -16.45
N PHE B 258 -14.70 -24.36 -16.30
CA PHE B 258 -14.40 -25.76 -16.12
C PHE B 258 -14.84 -26.54 -17.35
N ASN B 259 -14.21 -26.15 -18.47
CA ASN B 259 -14.61 -26.59 -19.79
C ASN B 259 -13.48 -27.38 -20.46
N ASN B 260 -13.63 -28.69 -20.50
CA ASN B 260 -12.64 -29.59 -21.08
C ASN B 260 -12.43 -29.38 -22.57
N THR B 261 -13.45 -28.87 -23.25
CA THR B 261 -13.36 -28.59 -24.69
C THR B 261 -12.23 -27.62 -24.98
N CYS B 262 -11.99 -26.68 -24.06
CA CYS B 262 -10.87 -25.77 -24.16
C CYS B 262 -9.62 -26.32 -23.47
N ILE B 263 -9.70 -27.58 -23.05
CA ILE B 263 -8.54 -28.30 -22.50
C ILE B 263 -8.20 -29.49 -23.39
N ASN B 272 -8.76 -18.90 -25.64
CA ASN B 272 -7.54 -18.11 -25.76
C ASN B 272 -7.77 -16.63 -25.42
N GLY B 273 -8.96 -16.14 -25.74
CA GLY B 273 -9.29 -14.74 -25.54
C GLY B 273 -9.72 -14.41 -24.12
N THR B 274 -10.56 -13.39 -23.98
CA THR B 274 -11.10 -13.01 -22.67
C THR B 274 -12.39 -13.78 -22.36
N ILE B 275 -12.37 -14.53 -21.27
CA ILE B 275 -13.56 -15.24 -20.80
C ILE B 275 -14.44 -14.28 -20.01
N THR B 276 -15.73 -14.24 -20.35
CA THR B 276 -16.67 -13.38 -19.62
C THR B 276 -17.72 -14.22 -18.92
N LEU B 277 -17.58 -14.34 -17.61
CA LEU B 277 -18.54 -15.07 -16.79
C LEU B 277 -19.72 -14.16 -16.47
N PRO B 278 -20.94 -14.64 -16.75
CA PRO B 278 -22.11 -13.83 -16.37
C PRO B 278 -22.33 -13.95 -14.88
N CYS B 279 -22.65 -12.83 -14.23
CA CYS B 279 -22.88 -12.83 -12.79
C CYS B 279 -24.17 -12.12 -12.46
N LYS B 280 -24.66 -12.35 -11.25
CA LYS B 280 -25.76 -11.54 -10.73
C LYS B 280 -25.51 -11.16 -9.28
N ILE B 281 -25.98 -9.98 -8.91
CA ILE B 281 -25.94 -9.54 -7.52
C ILE B 281 -27.27 -9.95 -6.89
N LYS B 282 -27.22 -10.86 -5.91
CA LYS B 282 -28.43 -11.36 -5.27
C LYS B 282 -28.67 -10.69 -3.93
N GLN B 283 -29.93 -10.31 -3.68
CA GLN B 283 -30.33 -9.70 -2.42
C GLN B 283 -30.67 -10.78 -1.40
N ILE B 284 -31.14 -11.92 -1.90
CA ILE B 284 -31.57 -13.03 -1.05
C ILE B 284 -30.57 -14.18 -1.08
N ILE B 285 -30.03 -14.54 0.08
CA ILE B 285 -28.94 -15.50 0.15
C ILE B 285 -29.11 -16.55 1.24
N ASN B 286 -28.49 -17.70 1.04
CA ASN B 286 -28.37 -18.73 2.07
C ASN B 286 -27.09 -18.48 2.84
N MET B 287 -27.22 -18.32 4.16
CA MET B 287 -26.07 -17.97 4.99
C MET B 287 -25.10 -19.14 5.13
N TRP B 288 -23.81 -18.85 4.97
CA TRP B 288 -22.76 -19.84 5.12
C TRP B 288 -22.54 -20.19 6.59
N GLN B 289 -23.04 -19.34 7.47
CA GLN B 289 -22.97 -19.60 8.91
C GLN B 289 -23.85 -20.81 9.26
N GLY B 290 -24.85 -21.06 8.41
CA GLY B 290 -25.72 -22.20 8.60
C GLY B 290 -27.06 -21.83 9.23
N THR B 291 -27.14 -20.60 9.74
CA THR B 291 -28.36 -20.09 10.37
C THR B 291 -29.60 -20.29 9.51
N GLY B 292 -29.65 -19.64 8.35
CA GLY B 292 -30.76 -19.85 7.43
C GLY B 292 -30.69 -19.04 6.14
N GLN B 293 -31.70 -18.22 5.92
CA GLN B 293 -31.81 -17.39 4.72
C GLN B 293 -31.84 -15.91 5.10
N ALA B 294 -31.23 -15.06 4.29
CA ALA B 294 -31.19 -13.63 4.57
C ALA B 294 -31.38 -12.78 3.32
N MET B 295 -31.95 -11.59 3.51
CA MET B 295 -32.21 -10.69 2.38
C MET B 295 -31.70 -9.27 2.62
N TYR B 296 -30.91 -8.77 1.69
CA TYR B 296 -30.33 -7.43 1.78
C TYR B 296 -30.99 -6.46 0.79
N ALA B 297 -30.58 -5.20 0.86
CA ALA B 297 -31.09 -4.15 -0.01
C ALA B 297 -30.52 -4.29 -1.42
N PRO B 298 -31.20 -3.68 -2.41
CA PRO B 298 -30.67 -3.62 -3.78
C PRO B 298 -29.30 -2.94 -3.84
N PRO B 299 -28.50 -3.21 -4.91
CA PRO B 299 -27.11 -2.74 -4.98
C PRO B 299 -26.90 -1.23 -4.86
N ILE B 300 -25.74 -0.82 -4.35
CA ILE B 300 -25.36 0.60 -4.32
C ILE B 300 -25.20 1.11 -5.74
N ASP B 301 -25.30 2.43 -5.92
CA ASP B 301 -25.13 3.02 -7.25
C ASP B 301 -23.68 3.04 -7.69
N GLY B 302 -23.46 3.22 -8.98
CA GLY B 302 -22.13 3.41 -9.53
C GLY B 302 -21.41 2.13 -9.92
N LYS B 303 -20.18 2.28 -10.39
CA LYS B 303 -19.36 1.13 -10.75
C LYS B 303 -18.97 0.36 -9.50
N ILE B 304 -19.19 -0.94 -9.53
CA ILE B 304 -18.76 -1.84 -8.47
C ILE B 304 -17.75 -2.81 -9.06
N ASN B 305 -16.55 -2.84 -8.49
CA ASN B 305 -15.46 -3.59 -9.08
C ASN B 305 -14.56 -4.29 -8.07
N CYS B 306 -14.33 -5.57 -8.29
CA CYS B 306 -13.40 -6.35 -7.47
C CYS B 306 -12.48 -7.17 -8.36
N VAL B 307 -11.20 -6.84 -8.32
CA VAL B 307 -10.19 -7.62 -9.02
C VAL B 307 -9.46 -8.48 -8.00
N SER B 308 -9.60 -9.80 -8.12
CA SER B 308 -9.01 -10.72 -7.18
C SER B 308 -8.01 -11.65 -7.86
N ASN B 309 -7.11 -12.22 -7.08
CA ASN B 309 -6.27 -13.31 -7.55
C ASN B 309 -6.93 -14.63 -7.20
N ILE B 310 -7.19 -15.47 -8.21
CA ILE B 310 -7.61 -16.85 -7.96
C ILE B 310 -6.36 -17.61 -7.55
N THR B 311 -6.30 -18.04 -6.29
CA THR B 311 -5.11 -18.68 -5.74
C THR B 311 -5.38 -20.12 -5.34
N GLY B 312 -6.63 -20.54 -5.46
CA GLY B 312 -7.04 -21.88 -5.09
C GLY B 312 -8.36 -22.30 -5.70
N ILE B 313 -8.57 -23.61 -5.78
CA ILE B 313 -9.82 -24.16 -6.32
C ILE B 313 -10.38 -25.22 -5.36
N LEU B 314 -11.68 -25.16 -5.12
CA LEU B 314 -12.37 -26.19 -4.34
C LEU B 314 -13.07 -27.16 -5.28
N LEU B 315 -12.79 -28.44 -5.13
CA LEU B 315 -13.33 -29.45 -6.03
C LEU B 315 -13.92 -30.63 -5.27
N THR B 316 -15.03 -31.15 -5.78
CA THR B 316 -15.59 -32.42 -5.32
C THR B 316 -15.48 -33.39 -6.49
N ARG B 317 -15.16 -34.64 -6.21
CA ARG B 317 -15.08 -35.65 -7.26
C ARG B 317 -16.35 -36.48 -7.27
N ASP B 318 -16.78 -36.88 -8.47
CA ASP B 318 -17.95 -37.72 -8.62
C ASP B 318 -17.72 -39.11 -8.05
N GLY B 319 -18.61 -39.52 -7.15
CA GLY B 319 -18.60 -40.87 -6.64
C GLY B 319 -19.46 -41.80 -7.47
N GLY B 320 -18.82 -42.71 -8.20
CA GLY B 320 -19.53 -43.72 -8.97
C GLY B 320 -19.06 -43.97 -10.39
N ALA B 321 -17.77 -44.24 -10.56
CA ALA B 321 -17.22 -44.59 -11.87
C ALA B 321 -15.82 -45.21 -11.82
N ASN B 322 -15.51 -45.88 -10.72
CA ASN B 322 -14.26 -46.62 -10.63
C ASN B 322 -14.25 -47.72 -11.69
N ASN B 323 -13.09 -47.95 -12.30
CA ASN B 323 -12.96 -48.88 -13.42
C ASN B 323 -13.32 -48.23 -14.76
N THR B 324 -13.59 -46.93 -14.71
CA THR B 324 -13.83 -46.12 -15.87
C THR B 324 -12.68 -45.13 -15.90
N SER B 325 -12.11 -44.90 -17.09
CA SER B 325 -10.94 -44.05 -17.19
C SER B 325 -11.31 -42.69 -16.66
N ASN B 326 -12.55 -42.26 -16.97
CA ASN B 326 -13.01 -40.96 -16.54
C ASN B 326 -13.15 -40.76 -15.03
N GLU B 327 -12.66 -39.62 -14.58
CA GLU B 327 -12.91 -38.99 -13.29
C GLU B 327 -13.37 -37.55 -13.50
N THR B 328 -14.57 -37.26 -13.01
CA THR B 328 -15.18 -35.94 -13.23
C THR B 328 -15.21 -35.10 -11.96
N PHE B 329 -14.54 -33.94 -12.03
CA PHE B 329 -14.48 -33.02 -10.90
C PHE B 329 -15.36 -31.81 -11.19
N ARG B 330 -16.07 -31.36 -10.16
CA ARG B 330 -16.93 -30.19 -10.29
C ARG B 330 -16.52 -29.22 -9.19
N PRO B 331 -16.65 -27.91 -9.45
CA PRO B 331 -16.29 -26.95 -8.41
C PRO B 331 -17.21 -27.10 -7.20
N GLY B 332 -16.62 -27.19 -6.01
CA GLY B 332 -17.40 -27.37 -4.80
C GLY B 332 -17.44 -26.11 -3.95
N GLY B 333 -17.45 -26.29 -2.62
CA GLY B 333 -17.49 -25.17 -1.70
C GLY B 333 -18.66 -25.21 -0.76
N GLY B 334 -18.88 -24.10 -0.04
CA GLY B 334 -19.99 -24.02 0.90
C GLY B 334 -19.63 -24.30 2.34
N ASN B 335 -18.59 -25.09 2.55
CA ASN B 335 -18.04 -25.25 3.89
C ASN B 335 -16.85 -24.30 4.04
N ILE B 336 -17.15 -23.12 4.58
CA ILE B 336 -16.19 -22.01 4.61
C ILE B 336 -14.96 -22.32 5.48
N LYS B 337 -15.06 -23.35 6.32
CA LYS B 337 -13.90 -23.75 7.12
C LYS B 337 -12.75 -24.25 6.24
N ASP B 338 -13.10 -24.84 5.09
CA ASP B 338 -12.09 -25.27 4.12
C ASP B 338 -11.32 -24.08 3.55
N ASN B 339 -11.95 -22.91 3.51
CA ASN B 339 -11.27 -21.68 3.10
C ASN B 339 -10.11 -21.37 4.05
N TRP B 340 -10.39 -21.42 5.34
CA TRP B 340 -9.36 -21.14 6.34
C TRP B 340 -8.30 -22.25 6.35
N ARG B 341 -8.74 -23.48 6.11
CA ARG B 341 -7.84 -24.61 5.98
C ARG B 341 -6.80 -24.39 4.89
N SER B 342 -7.24 -23.76 3.80
CA SER B 342 -6.37 -23.52 2.65
C SER B 342 -5.18 -22.63 2.99
N GLU B 343 -5.27 -21.91 4.11
CA GLU B 343 -4.21 -21.01 4.55
C GLU B 343 -3.53 -21.51 5.82
N LEU B 344 -4.27 -22.28 6.62
CA LEU B 344 -3.79 -22.73 7.94
C LEU B 344 -3.14 -24.12 7.93
N TYR B 345 -3.11 -24.75 6.77
CA TYR B 345 -2.64 -26.14 6.62
C TYR B 345 -1.22 -26.38 7.16
N LYS B 346 -0.41 -25.33 7.20
CA LYS B 346 1.01 -25.46 7.54
C LYS B 346 1.32 -25.12 8.99
N TYR B 347 0.30 -24.83 9.78
CA TYR B 347 0.49 -24.49 11.19
C TYR B 347 -0.18 -25.49 12.13
N LYS B 348 0.37 -25.60 13.33
CA LYS B 348 -0.30 -26.32 14.41
C LYS B 348 0.18 -25.80 15.77
N VAL B 349 -0.73 -25.82 16.74
CA VAL B 349 -0.45 -25.31 18.08
C VAL B 349 0.19 -26.39 18.95
N VAL B 350 1.25 -26.03 19.67
CA VAL B 350 1.84 -26.94 20.65
C VAL B 350 2.01 -26.24 22.00
N GLN B 351 1.89 -27.01 23.07
CA GLN B 351 2.13 -26.50 24.41
C GLN B 351 3.55 -26.85 24.82
N ILE B 352 4.28 -25.87 25.34
CA ILE B 352 5.67 -26.06 25.74
C ILE B 352 5.79 -26.42 27.22
N GLU B 353 6.64 -27.40 27.52
CA GLU B 353 6.99 -27.71 28.90
C GLU B 353 8.44 -27.32 29.16
#